data_5W4W
#
_entry.id   5W4W
#
_cell.length_a   48.884
_cell.length_b   84.584
_cell.length_c   89.042
_cell.angle_alpha   70.37
_cell.angle_beta   74.27
_cell.angle_gamma   86.77
#
_symmetry.space_group_name_H-M   'P 1'
#
loop_
_entity.id
_entity.type
_entity.pdbx_description
1 polymer 'Casein kinase I isoform delta'
2 non-polymer 4-[3-(4-fluorophenyl)-1-methyl-1H-pyrazol-4-yl]-6-methyl-6,7-dihydro-5H-pyrrolo[3,4-b]pyridin-5-one
3 non-polymer 'SULFATE ION'
4 water water
#
_entity_poly.entity_id   1
_entity_poly.type   'polypeptide(L)'
_entity_poly.pdbx_seq_one_letter_code
;MHHHHHHSSGLVPRGSLRVGNRYRLGRKIGSGSFGDIYLGTDIAAGEEVAIKLECVKTKHPQLHIESKIYKMMQGGVGIP
TIRWCGAEGDYNVMVMELLGPSLEDLFNFCSRKFSLKTVLLLADQMISRIEYIHSKNFIHRDVKPDNFLMGLGKKGNLVY
IIDFGLAKKYRDARTHQHIPYRENKNLTGTARYASINTHLGIEQSRRDDLESLGYVLMYFNLGSLPWQGLKAATKRQKYE
RISEKKMSTPIEVLCKGYPSEFATYLNFCRSLRFDDKPDYSYLRQLFRNLFHRQGFSYDYVFDWNMLKFGASRAADDAER
ERRDREERLRH
;
_entity_poly.pdbx_strand_id   A,B,C,D
#
loop_
_chem_comp.id
_chem_comp.type
_chem_comp.name
_chem_comp.formula
9WG non-polymer 4-[3-(4-fluorophenyl)-1-methyl-1H-pyrazol-4-yl]-6-methyl-6,7-dihydro-5H-pyrrolo[3,4-b]pyridin-5-one 'C18 H15 F N4 O'
SO4 non-polymer 'SULFATE ION' 'O4 S -2'
#
# COMPACT_ATOMS: atom_id res chain seq x y z
N LEU A 17 -83.47 -60.02 42.70
CA LEU A 17 -83.54 -58.56 42.80
C LEU A 17 -83.64 -57.88 41.41
N ARG A 18 -84.32 -56.70 41.34
CA ARG A 18 -84.51 -55.93 40.11
C ARG A 18 -83.42 -54.88 39.89
N VAL A 19 -82.87 -54.86 38.68
CA VAL A 19 -81.80 -53.94 38.29
C VAL A 19 -82.29 -53.21 37.05
N GLY A 20 -82.35 -51.89 37.15
CA GLY A 20 -82.80 -50.98 36.10
C GLY A 20 -84.06 -51.38 35.38
N ASN A 21 -85.11 -51.82 36.13
CA ASN A 21 -86.44 -52.26 35.68
C ASN A 21 -86.46 -53.54 34.76
N ARG A 22 -85.42 -53.74 33.94
CA ARG A 22 -85.24 -54.76 32.90
C ARG A 22 -84.42 -56.01 33.29
N TYR A 23 -83.52 -55.88 34.28
CA TYR A 23 -82.61 -56.96 34.64
C TYR A 23 -82.96 -57.65 35.94
N ARG A 24 -82.83 -58.98 35.92
CA ARG A 24 -83.03 -59.79 37.11
C ARG A 24 -81.65 -60.21 37.62
N LEU A 25 -81.36 -59.88 38.88
CA LEU A 25 -80.09 -60.18 39.52
C LEU A 25 -80.15 -61.54 40.20
N GLY A 26 -79.19 -62.40 39.86
CA GLY A 26 -79.04 -63.74 40.42
C GLY A 26 -77.87 -63.84 41.37
N ARG A 27 -77.42 -65.07 41.64
CA ARG A 27 -76.32 -65.34 42.57
C ARG A 27 -74.97 -64.96 42.00
N LYS A 28 -73.99 -64.72 42.91
CA LYS A 28 -72.61 -64.37 42.59
C LYS A 28 -71.99 -65.49 41.74
N ILE A 29 -71.26 -65.12 40.70
CA ILE A 29 -70.63 -66.07 39.77
C ILE A 29 -69.13 -65.83 39.64
N GLY A 30 -68.66 -64.67 40.10
CA GLY A 30 -67.26 -64.31 40.03
C GLY A 30 -66.82 -63.15 40.91
N SER A 31 -65.53 -62.82 40.84
CA SER A 31 -64.88 -61.74 41.57
C SER A 31 -64.23 -60.80 40.57
N GLY A 32 -64.34 -59.51 40.82
CA GLY A 32 -63.79 -58.48 39.94
C GLY A 32 -62.96 -57.46 40.68
N SER A 33 -62.09 -56.74 39.93
CA SER A 33 -61.11 -55.72 40.34
C SER A 33 -61.50 -54.83 41.52
N PHE A 34 -62.78 -54.39 41.57
CA PHE A 34 -63.33 -53.52 42.63
C PHE A 34 -64.86 -53.65 42.72
N GLY A 35 -65.35 -54.87 42.50
CA GLY A 35 -66.77 -55.19 42.55
C GLY A 35 -67.03 -56.60 42.07
N ASP A 36 -67.87 -57.36 42.81
CA ASP A 36 -68.22 -58.73 42.48
C ASP A 36 -69.11 -58.85 41.23
N ILE A 37 -69.13 -60.06 40.62
CA ILE A 37 -69.87 -60.39 39.39
C ILE A 37 -70.99 -61.34 39.72
N TYR A 38 -72.19 -60.98 39.26
CA TYR A 38 -73.39 -61.77 39.50
C TYR A 38 -74.01 -62.22 38.17
N LEU A 39 -74.73 -63.35 38.21
CA LEU A 39 -75.45 -63.82 37.03
C LEU A 39 -76.70 -62.97 36.92
N GLY A 40 -77.10 -62.65 35.70
CA GLY A 40 -78.31 -61.89 35.50
C GLY A 40 -79.04 -62.31 34.25
N THR A 41 -80.27 -61.80 34.10
CA THR A 41 -81.05 -62.01 32.90
C THR A 41 -81.63 -60.69 32.45
N ASP A 42 -81.51 -60.41 31.15
CA ASP A 42 -82.21 -59.31 30.53
C ASP A 42 -83.59 -59.96 30.25
N ILE A 43 -84.55 -59.71 31.13
CA ILE A 43 -85.91 -60.24 31.12
C ILE A 43 -86.69 -59.86 29.84
N ALA A 44 -86.50 -58.64 29.32
CA ALA A 44 -87.22 -58.20 28.13
C ALA A 44 -86.70 -58.87 26.85
N ALA A 45 -85.38 -59.07 26.77
CA ALA A 45 -84.72 -59.66 25.60
C ALA A 45 -84.55 -61.20 25.67
N GLY A 46 -84.66 -61.78 26.84
CA GLY A 46 -84.45 -63.21 27.03
C GLY A 46 -83.00 -63.57 26.81
N GLU A 47 -82.07 -62.81 27.43
CA GLU A 47 -80.64 -63.01 27.28
C GLU A 47 -79.94 -62.94 28.63
N GLU A 48 -78.96 -63.84 28.87
CA GLU A 48 -78.19 -63.84 30.11
C GLU A 48 -77.16 -62.76 30.05
N VAL A 49 -76.89 -62.16 31.20
CA VAL A 49 -75.92 -61.09 31.36
C VAL A 49 -75.03 -61.34 32.59
N ALA A 50 -73.96 -60.55 32.73
CA ALA A 50 -73.08 -60.55 33.90
C ALA A 50 -73.28 -59.14 34.47
N ILE A 51 -73.53 -59.04 35.77
CA ILE A 51 -73.78 -57.77 36.46
C ILE A 51 -72.66 -57.46 37.47
N LYS A 52 -71.96 -56.33 37.28
CA LYS A 52 -70.91 -55.87 38.20
C LYS A 52 -71.53 -54.87 39.17
N LEU A 53 -71.41 -55.14 40.49
CA LEU A 53 -71.95 -54.31 41.57
C LEU A 53 -70.86 -53.66 42.42
N GLU A 54 -70.94 -52.34 42.63
CA GLU A 54 -69.98 -51.60 43.44
C GLU A 54 -70.74 -50.71 44.42
N CYS A 55 -70.41 -50.80 45.73
CA CYS A 55 -71.02 -50.01 46.81
C CYS A 55 -71.04 -48.49 46.53
N VAL A 56 -72.27 -47.89 46.55
CA VAL A 56 -72.57 -46.47 46.32
C VAL A 56 -71.61 -45.56 47.10
N LYS A 57 -71.33 -45.93 48.36
CA LYS A 57 -70.43 -45.22 49.25
C LYS A 57 -69.21 -46.08 49.60
N THR A 58 -68.07 -45.81 48.92
CA THR A 58 -66.77 -46.48 49.10
C THR A 58 -65.67 -45.42 48.96
N LYS A 59 -64.58 -45.57 49.75
CA LYS A 59 -63.42 -44.68 49.76
C LYS A 59 -62.73 -44.59 48.39
N HIS A 60 -62.87 -45.65 47.54
CA HIS A 60 -62.30 -45.70 46.19
C HIS A 60 -63.37 -46.09 45.13
N PRO A 61 -64.27 -45.18 44.70
CA PRO A 61 -65.27 -45.56 43.69
C PRO A 61 -64.67 -45.52 42.29
N GLN A 62 -64.80 -46.64 41.53
CA GLN A 62 -64.19 -46.77 40.21
C GLN A 62 -65.12 -47.27 39.05
N LEU A 63 -66.31 -47.87 39.38
CA LEU A 63 -67.24 -48.42 38.37
C LEU A 63 -67.63 -47.41 37.29
N HIS A 64 -68.02 -46.19 37.71
CA HIS A 64 -68.45 -45.11 36.82
C HIS A 64 -67.42 -44.71 35.76
N ILE A 65 -66.16 -44.55 36.17
CA ILE A 65 -65.03 -44.21 35.29
C ILE A 65 -64.86 -45.32 34.24
N GLU A 66 -64.85 -46.58 34.72
CA GLU A 66 -64.69 -47.77 33.89
C GLU A 66 -65.77 -47.84 32.82
N SER A 67 -67.05 -47.54 33.19
CA SER A 67 -68.21 -47.52 32.31
C SER A 67 -68.00 -46.59 31.13
N LYS A 68 -67.41 -45.40 31.39
CA LYS A 68 -67.10 -44.37 30.40
C LYS A 68 -66.10 -44.92 29.38
N ILE A 69 -65.07 -45.64 29.87
CA ILE A 69 -64.04 -46.24 29.02
C ILE A 69 -64.67 -47.33 28.12
N TYR A 70 -65.41 -48.28 28.70
CA TYR A 70 -66.13 -49.31 27.95
C TYR A 70 -67.02 -48.68 26.87
N LYS A 71 -67.75 -47.57 27.22
CA LYS A 71 -68.66 -46.86 26.31
C LYS A 71 -67.91 -46.28 25.12
N MET A 72 -66.73 -45.69 25.36
CA MET A 72 -65.86 -45.15 24.34
C MET A 72 -65.36 -46.27 23.41
N MET A 73 -65.09 -47.47 23.97
CA MET A 73 -64.57 -48.66 23.27
C MET A 73 -65.65 -49.41 22.46
N GLN A 74 -66.94 -49.12 22.69
CA GLN A 74 -68.06 -49.82 22.02
C GLN A 74 -67.92 -49.88 20.48
N GLY A 75 -68.26 -51.02 19.89
CA GLY A 75 -68.17 -51.22 18.45
C GLY A 75 -66.90 -51.95 18.04
N GLY A 76 -65.89 -51.93 18.90
CA GLY A 76 -64.63 -52.61 18.64
C GLY A 76 -64.78 -54.11 18.74
N VAL A 77 -64.09 -54.85 17.86
CA VAL A 77 -64.08 -56.32 17.86
C VAL A 77 -63.52 -56.78 19.21
N GLY A 78 -64.24 -57.67 19.89
CA GLY A 78 -63.77 -58.18 21.17
C GLY A 78 -63.89 -57.20 22.33
N ILE A 79 -64.71 -56.16 22.16
CA ILE A 79 -65.02 -55.22 23.24
C ILE A 79 -66.42 -55.63 23.74
N PRO A 80 -66.55 -56.01 25.03
CA PRO A 80 -67.88 -56.44 25.51
C PRO A 80 -68.87 -55.30 25.48
N THR A 81 -70.10 -55.62 25.08
CA THR A 81 -71.17 -54.63 25.00
C THR A 81 -71.69 -54.40 26.40
N ILE A 82 -71.81 -53.13 26.81
CA ILE A 82 -72.37 -52.72 28.09
C ILE A 82 -73.84 -52.42 27.79
N ARG A 83 -74.73 -53.23 28.37
CA ARG A 83 -76.16 -53.13 28.14
C ARG A 83 -76.79 -51.96 28.91
N TRP A 84 -76.29 -51.71 30.15
CA TRP A 84 -76.82 -50.71 31.07
C TRP A 84 -75.80 -50.33 32.15
N CYS A 85 -75.93 -49.08 32.65
CA CYS A 85 -75.17 -48.48 33.76
C CYS A 85 -76.17 -47.69 34.56
N GLY A 86 -75.98 -47.67 35.88
CA GLY A 86 -76.83 -46.90 36.78
C GLY A 86 -76.54 -47.12 38.25
N ALA A 87 -77.53 -46.79 39.08
CA ALA A 87 -77.45 -46.95 40.54
C ALA A 87 -78.76 -47.59 41.00
N GLU A 88 -78.64 -48.61 41.85
CA GLU A 88 -79.76 -49.36 42.40
C GLU A 88 -79.46 -49.62 43.87
N GLY A 89 -80.27 -49.03 44.74
CA GLY A 89 -80.12 -49.16 46.19
C GLY A 89 -78.76 -48.71 46.69
N ASP A 90 -78.02 -49.63 47.32
CA ASP A 90 -76.69 -49.39 47.88
C ASP A 90 -75.56 -49.63 46.87
N TYR A 91 -75.89 -49.82 45.58
CA TYR A 91 -74.89 -50.13 44.55
C TYR A 91 -74.96 -49.33 43.27
N ASN A 92 -73.78 -49.16 42.64
CA ASN A 92 -73.55 -48.67 41.29
C ASN A 92 -73.57 -49.97 40.47
N VAL A 93 -74.31 -50.00 39.37
CA VAL A 93 -74.49 -51.22 38.58
C VAL A 93 -74.02 -51.06 37.15
N MET A 94 -73.34 -52.08 36.64
CA MET A 94 -72.94 -52.17 35.25
C MET A 94 -73.34 -53.54 34.75
N VAL A 95 -74.02 -53.57 33.60
CA VAL A 95 -74.53 -54.81 32.97
C VAL A 95 -73.78 -55.06 31.66
N MET A 96 -73.16 -56.23 31.55
CA MET A 96 -72.41 -56.64 30.37
C MET A 96 -73.01 -57.94 29.82
N GLU A 97 -72.86 -58.18 28.50
CA GLU A 97 -73.26 -59.44 27.90
C GLU A 97 -72.47 -60.57 28.59
N LEU A 98 -73.06 -61.75 28.69
CA LEU A 98 -72.40 -62.87 29.34
C LEU A 98 -71.28 -63.40 28.45
N LEU A 99 -70.10 -63.60 29.05
CA LEU A 99 -68.92 -64.09 28.36
C LEU A 99 -68.51 -65.40 28.97
N GLY A 100 -67.57 -66.07 28.30
CA GLY A 100 -67.05 -67.35 28.73
C GLY A 100 -65.88 -67.22 29.66
N PRO A 101 -65.15 -68.33 29.88
CA PRO A 101 -64.02 -68.29 30.83
C PRO A 101 -62.83 -67.48 30.32
N SER A 102 -62.05 -66.96 31.25
CA SER A 102 -60.86 -66.18 30.92
C SER A 102 -59.76 -67.11 30.38
N LEU A 103 -58.68 -66.56 29.79
CA LEU A 103 -57.57 -67.36 29.28
C LEU A 103 -56.82 -68.07 30.42
N GLU A 104 -56.85 -67.50 31.65
CA GLU A 104 -56.25 -68.13 32.82
C GLU A 104 -57.04 -69.40 33.22
N ASP A 105 -58.39 -69.32 33.23
CA ASP A 105 -59.27 -70.45 33.55
C ASP A 105 -59.10 -71.53 32.50
N LEU A 106 -59.02 -71.14 31.21
CA LEU A 106 -58.83 -72.12 30.13
C LEU A 106 -57.46 -72.74 30.17
N PHE A 107 -56.41 -71.96 30.54
CA PHE A 107 -55.03 -72.47 30.68
C PHE A 107 -54.97 -73.53 31.78
N ASN A 108 -55.57 -73.24 32.98
CA ASN A 108 -55.66 -74.17 34.10
C ASN A 108 -56.48 -75.39 33.71
N PHE A 109 -57.59 -75.19 32.98
CA PHE A 109 -58.44 -76.30 32.50
C PHE A 109 -57.68 -77.22 31.52
N CYS A 110 -56.68 -76.68 30.79
CA CYS A 110 -55.83 -77.39 29.83
C CYS A 110 -54.53 -77.88 30.44
N SER A 111 -54.49 -78.00 31.78
CA SER A 111 -53.31 -78.48 32.54
C SER A 111 -52.07 -77.60 32.36
N ARG A 112 -52.28 -76.28 32.19
CA ARG A 112 -51.23 -75.26 32.04
C ARG A 112 -50.27 -75.57 30.89
N LYS A 113 -50.84 -76.06 29.78
CA LYS A 113 -50.11 -76.37 28.56
C LYS A 113 -50.99 -76.00 27.37
N PHE A 114 -50.52 -75.05 26.54
CA PHE A 114 -51.18 -74.66 25.29
C PHE A 114 -50.27 -75.05 24.13
N SER A 115 -50.83 -75.63 23.05
CA SER A 115 -50.03 -75.98 21.88
C SER A 115 -49.55 -74.66 21.22
N LEU A 116 -48.54 -74.74 20.36
CA LEU A 116 -48.04 -73.56 19.66
C LEU A 116 -49.18 -72.92 18.82
N LYS A 117 -50.06 -73.76 18.19
CA LYS A 117 -51.17 -73.23 17.38
C LYS A 117 -52.11 -72.38 18.23
N THR A 118 -52.48 -72.85 19.44
CA THR A 118 -53.37 -72.08 20.34
C THR A 118 -52.71 -70.75 20.73
N VAL A 119 -51.43 -70.75 21.08
CA VAL A 119 -50.68 -69.52 21.48
C VAL A 119 -50.72 -68.50 20.33
N LEU A 120 -50.55 -68.94 19.10
CA LEU A 120 -50.49 -68.09 17.93
C LEU A 120 -51.88 -67.60 17.53
N LEU A 121 -52.91 -68.44 17.69
CA LEU A 121 -54.29 -67.99 17.44
C LEU A 121 -54.64 -66.87 18.46
N LEU A 122 -54.24 -67.08 19.74
CA LEU A 122 -54.46 -66.11 20.79
C LEU A 122 -53.63 -64.84 20.58
N ALA A 123 -52.33 -64.98 20.22
CA ALA A 123 -51.46 -63.81 20.00
C ALA A 123 -52.03 -62.84 18.97
N ASP A 124 -52.53 -63.37 17.84
CA ASP A 124 -53.10 -62.59 16.75
C ASP A 124 -54.21 -61.65 17.21
N GLN A 125 -55.18 -62.20 17.95
CA GLN A 125 -56.33 -61.49 18.45
C GLN A 125 -55.97 -60.53 19.59
N MET A 126 -55.09 -60.97 20.51
CA MET A 126 -54.68 -60.16 21.66
C MET A 126 -53.91 -58.89 21.23
N ILE A 127 -53.08 -58.96 20.16
CA ILE A 127 -52.34 -57.80 19.64
C ILE A 127 -53.39 -56.79 19.09
N SER A 128 -54.42 -57.31 18.41
CA SER A 128 -55.49 -56.51 17.83
C SER A 128 -56.32 -55.81 18.89
N ARG A 129 -56.64 -56.51 19.99
CA ARG A 129 -57.41 -55.91 21.11
C ARG A 129 -56.65 -54.72 21.69
N ILE A 130 -55.36 -54.91 21.92
CA ILE A 130 -54.48 -53.87 22.47
C ILE A 130 -54.36 -52.71 21.49
N GLU A 131 -54.20 -53.00 20.19
CA GLU A 131 -54.11 -51.94 19.19
C GLU A 131 -55.41 -51.09 19.19
N TYR A 132 -56.58 -51.76 19.30
CA TYR A 132 -57.87 -51.10 19.35
C TYR A 132 -57.97 -50.15 20.54
N ILE A 133 -57.56 -50.59 21.74
CA ILE A 133 -57.63 -49.77 22.95
C ILE A 133 -56.73 -48.56 22.75
N HIS A 134 -55.53 -48.76 22.20
CA HIS A 134 -54.59 -47.68 21.90
C HIS A 134 -55.17 -46.69 20.87
N SER A 135 -55.89 -47.20 19.84
CA SER A 135 -56.51 -46.33 18.82
C SER A 135 -57.55 -45.42 19.46
N LYS A 136 -58.09 -45.84 20.63
CA LYS A 136 -59.08 -45.11 21.41
C LYS A 136 -58.45 -44.28 22.54
N ASN A 137 -57.10 -44.03 22.44
CA ASN A 137 -56.29 -43.12 23.29
C ASN A 137 -56.05 -43.62 24.72
N PHE A 138 -56.27 -44.89 24.96
CA PHE A 138 -56.06 -45.49 26.27
C PHE A 138 -55.02 -46.58 26.22
N ILE A 139 -54.32 -46.77 27.35
CA ILE A 139 -53.41 -47.89 27.60
C ILE A 139 -54.12 -48.73 28.68
N HIS A 140 -54.09 -50.06 28.56
CA HIS A 140 -54.79 -50.96 29.48
C HIS A 140 -54.11 -51.01 30.83
N ARG A 141 -52.77 -51.24 30.84
CA ARG A 141 -51.85 -51.28 32.00
C ARG A 141 -51.99 -52.52 32.88
N ASP A 142 -52.90 -53.45 32.54
CA ASP A 142 -53.00 -54.70 33.29
C ASP A 142 -53.25 -55.89 32.37
N VAL A 143 -52.38 -56.02 31.37
CA VAL A 143 -52.43 -57.09 30.38
C VAL A 143 -51.97 -58.39 31.06
N LYS A 144 -52.93 -59.31 31.24
CA LYS A 144 -52.71 -60.61 31.89
C LYS A 144 -53.77 -61.59 31.41
N PRO A 145 -53.56 -62.93 31.50
CA PRO A 145 -54.60 -63.90 31.01
C PRO A 145 -56.00 -63.74 31.58
N ASP A 146 -56.11 -63.34 32.87
CA ASP A 146 -57.37 -63.14 33.58
C ASP A 146 -58.23 -62.05 32.93
N ASN A 147 -57.60 -61.10 32.19
CA ASN A 147 -58.33 -59.97 31.59
C ASN A 147 -58.71 -60.20 30.14
N PHE A 148 -58.57 -61.43 29.65
CA PHE A 148 -59.00 -61.82 28.31
C PHE A 148 -60.01 -62.96 28.49
N LEU A 149 -61.25 -62.80 28.01
CA LEU A 149 -62.28 -63.85 28.13
C LEU A 149 -62.71 -64.32 26.77
N MET A 150 -63.02 -65.62 26.63
CA MET A 150 -63.53 -66.12 25.35
C MET A 150 -65.02 -65.82 25.31
N GLY A 151 -65.57 -65.58 24.12
CA GLY A 151 -67.02 -65.36 24.03
C GLY A 151 -67.76 -66.70 24.15
N LEU A 152 -69.08 -66.69 24.11
CA LEU A 152 -69.88 -67.93 24.15
C LEU A 152 -70.65 -68.06 22.82
N GLY A 153 -71.12 -69.26 22.53
CA GLY A 153 -71.95 -69.57 21.37
C GLY A 153 -71.27 -69.25 20.06
N LYS A 154 -71.91 -68.40 19.26
CA LYS A 154 -71.38 -67.97 17.95
C LYS A 154 -70.11 -67.11 18.11
N LYS A 155 -69.89 -66.55 19.32
CA LYS A 155 -68.74 -65.71 19.62
C LYS A 155 -67.62 -66.50 20.32
N GLY A 156 -67.76 -67.82 20.37
CA GLY A 156 -66.82 -68.74 21.04
C GLY A 156 -65.40 -68.72 20.52
N ASN A 157 -65.16 -68.23 19.28
CA ASN A 157 -63.85 -68.11 18.63
C ASN A 157 -63.16 -66.76 18.95
N LEU A 158 -63.90 -65.83 19.56
CA LEU A 158 -63.48 -64.46 19.85
C LEU A 158 -62.93 -64.27 21.24
N VAL A 159 -61.78 -63.62 21.29
CA VAL A 159 -61.09 -63.23 22.52
C VAL A 159 -61.59 -61.83 22.82
N TYR A 160 -62.13 -61.62 24.02
CA TYR A 160 -62.59 -60.30 24.49
C TYR A 160 -61.59 -59.76 25.50
N ILE A 161 -61.46 -58.46 25.57
CA ILE A 161 -60.60 -57.83 26.57
C ILE A 161 -61.52 -57.12 27.60
N ILE A 162 -61.21 -57.27 28.88
CA ILE A 162 -62.00 -56.70 29.97
C ILE A 162 -61.09 -55.95 30.96
N ASP A 163 -61.75 -55.32 31.96
CA ASP A 163 -61.18 -54.64 33.09
C ASP A 163 -60.36 -53.40 32.73
N PHE A 164 -61.06 -52.26 32.73
CA PHE A 164 -60.45 -50.99 32.45
C PHE A 164 -60.21 -50.17 33.72
N GLY A 165 -60.18 -50.84 34.88
CA GLY A 165 -59.96 -50.22 36.19
C GLY A 165 -58.61 -49.56 36.38
N LEU A 166 -57.59 -49.99 35.64
CA LEU A 166 -56.26 -49.38 35.74
C LEU A 166 -55.90 -48.63 34.45
N ALA A 167 -56.84 -48.60 33.49
CA ALA A 167 -56.64 -47.97 32.19
C ALA A 167 -56.45 -46.47 32.35
N LYS A 168 -55.60 -45.90 31.50
CA LYS A 168 -55.28 -44.48 31.58
C LYS A 168 -55.19 -43.91 30.17
N LYS A 169 -55.64 -42.65 29.98
CA LYS A 169 -55.48 -41.98 28.68
C LYS A 169 -53.96 -41.70 28.51
N TYR A 170 -53.35 -42.12 27.37
CA TYR A 170 -51.90 -41.92 27.14
C TYR A 170 -51.65 -40.75 26.22
N ARG A 171 -52.69 -40.29 25.52
CA ARG A 171 -52.62 -39.17 24.60
C ARG A 171 -53.95 -38.42 24.65
N ASP A 172 -53.91 -37.14 24.29
CA ASP A 172 -55.10 -36.32 24.22
C ASP A 172 -55.93 -36.80 23.01
N ALA A 173 -57.23 -37.03 23.23
CA ALA A 173 -58.19 -37.51 22.23
C ALA A 173 -58.18 -36.74 20.89
N ARG A 174 -57.92 -35.43 20.92
CA ARG A 174 -57.89 -34.64 19.68
C ARG A 174 -56.49 -34.28 19.22
N THR A 175 -55.69 -33.75 20.14
CA THR A 175 -54.35 -33.31 19.82
C THR A 175 -53.35 -34.45 19.62
N HIS A 176 -53.64 -35.65 20.17
CA HIS A 176 -52.73 -36.84 20.13
C HIS A 176 -51.42 -36.57 20.88
N GLN A 177 -51.38 -35.51 21.75
CA GLN A 177 -50.19 -35.21 22.56
C GLN A 177 -50.09 -36.33 23.52
N HIS A 178 -48.95 -37.00 23.50
CA HIS A 178 -48.65 -38.10 24.39
C HIS A 178 -48.43 -37.52 25.78
N ILE A 179 -48.75 -38.29 26.83
CA ILE A 179 -48.56 -37.88 28.21
C ILE A 179 -47.03 -37.77 28.48
N PRO A 180 -46.55 -36.79 29.29
CA PRO A 180 -45.09 -36.63 29.48
C PRO A 180 -44.40 -37.85 30.10
N TYR A 181 -43.09 -37.94 29.85
CA TYR A 181 -42.24 -38.99 30.42
C TYR A 181 -42.16 -38.70 31.93
N ARG A 182 -42.53 -39.68 32.73
CA ARG A 182 -42.53 -39.59 34.18
C ARG A 182 -41.80 -40.80 34.74
N GLU A 183 -41.10 -40.58 35.86
CA GLU A 183 -40.32 -41.56 36.60
C GLU A 183 -40.86 -41.62 38.04
N ASN A 184 -40.41 -42.63 38.82
CA ASN A 184 -40.81 -42.88 40.22
C ASN A 184 -42.31 -43.17 40.39
N LYS A 185 -42.91 -43.84 39.39
CA LYS A 185 -44.29 -44.24 39.38
C LYS A 185 -44.45 -45.56 40.14
N ASN A 186 -45.66 -45.81 40.65
CA ASN A 186 -46.00 -47.02 41.38
C ASN A 186 -46.37 -48.15 40.39
N LEU A 187 -46.04 -49.41 40.74
CA LEU A 187 -46.32 -50.60 39.94
C LEU A 187 -47.84 -50.77 39.72
N THR A 188 -48.34 -50.23 38.60
CA THR A 188 -49.76 -50.29 38.21
C THR A 188 -49.98 -51.53 37.33
N GLY A 189 -50.55 -52.57 37.94
CA GLY A 189 -50.82 -53.84 37.30
C GLY A 189 -50.33 -55.02 38.12
N THR A 190 -50.04 -56.11 37.43
CA THR A 190 -49.57 -57.36 38.01
C THR A 190 -48.06 -57.46 37.81
N ALA A 191 -47.33 -57.72 38.90
CA ALA A 191 -45.86 -57.82 38.87
C ALA A 191 -45.34 -58.91 37.93
N ARG A 192 -46.03 -60.04 37.82
CA ARG A 192 -45.61 -61.15 36.96
C ARG A 192 -45.46 -60.78 35.49
N TYR A 193 -46.36 -59.93 34.98
CA TYR A 193 -46.39 -59.54 33.57
C TYR A 193 -45.91 -58.13 33.33
N ALA A 194 -45.53 -57.41 34.40
CA ALA A 194 -45.07 -56.02 34.28
C ALA A 194 -43.84 -55.89 33.33
N SER A 195 -43.77 -54.82 32.54
CA SER A 195 -42.62 -54.56 31.68
C SER A 195 -41.42 -54.16 32.57
N ILE A 196 -40.21 -54.26 32.06
CA ILE A 196 -39.00 -53.84 32.77
C ILE A 196 -39.08 -52.34 33.10
N ASN A 197 -39.60 -51.50 32.16
CA ASN A 197 -39.78 -50.06 32.39
C ASN A 197 -40.65 -49.82 33.62
N THR A 198 -41.72 -50.62 33.79
CA THR A 198 -42.64 -50.52 34.92
C THR A 198 -41.92 -50.82 36.21
N HIS A 199 -41.09 -51.87 36.24
CA HIS A 199 -40.29 -52.22 37.40
C HIS A 199 -39.33 -51.11 37.75
N LEU A 200 -38.87 -50.37 36.72
CA LEU A 200 -37.98 -49.23 36.93
C LEU A 200 -38.71 -47.98 37.43
N GLY A 201 -40.05 -48.01 37.44
CA GLY A 201 -40.85 -46.87 37.91
C GLY A 201 -41.17 -45.84 36.84
N ILE A 202 -41.02 -46.22 35.56
CA ILE A 202 -41.30 -45.34 34.42
C ILE A 202 -42.79 -45.36 34.13
N GLU A 203 -43.33 -44.20 33.73
CA GLU A 203 -44.74 -44.06 33.30
C GLU A 203 -44.99 -45.08 32.16
N GLN A 204 -46.08 -45.83 32.25
CA GLN A 204 -46.47 -46.81 31.25
C GLN A 204 -47.00 -46.13 29.98
N SER A 205 -46.74 -46.75 28.83
CA SER A 205 -47.21 -46.26 27.54
C SER A 205 -47.55 -47.49 26.69
N ARG A 206 -47.82 -47.31 25.38
CA ARG A 206 -48.24 -48.38 24.46
C ARG A 206 -47.31 -49.59 24.45
N ARG A 207 -46.00 -49.36 24.45
CA ARG A 207 -45.00 -50.44 24.45
C ARG A 207 -45.15 -51.43 25.63
N ASP A 208 -45.55 -50.92 26.81
CA ASP A 208 -45.67 -51.69 28.05
C ASP A 208 -46.83 -52.66 27.98
N ASP A 209 -47.96 -52.29 27.33
CA ASP A 209 -49.08 -53.24 27.16
C ASP A 209 -48.60 -54.40 26.27
N LEU A 210 -47.83 -54.08 25.25
CA LEU A 210 -47.31 -55.08 24.32
C LEU A 210 -46.21 -55.95 24.94
N GLU A 211 -45.31 -55.36 25.76
CA GLU A 211 -44.27 -56.17 26.41
C GLU A 211 -44.95 -57.18 27.35
N SER A 212 -45.95 -56.74 28.15
CA SER A 212 -46.74 -57.61 29.05
C SER A 212 -47.35 -58.77 28.29
N LEU A 213 -47.91 -58.50 27.11
CA LEU A 213 -48.46 -59.54 26.25
C LEU A 213 -47.39 -60.54 25.87
N GLY A 214 -46.17 -60.07 25.60
CA GLY A 214 -45.03 -60.95 25.29
C GLY A 214 -44.72 -61.92 26.40
N TYR A 215 -44.82 -61.43 27.68
CA TYR A 215 -44.63 -62.30 28.85
C TYR A 215 -45.81 -63.27 29.00
N VAL A 216 -47.04 -62.82 28.68
CA VAL A 216 -48.24 -63.69 28.73
C VAL A 216 -48.04 -64.82 27.70
N LEU A 217 -47.57 -64.50 26.48
CA LEU A 217 -47.39 -65.55 25.46
C LEU A 217 -46.31 -66.56 25.89
N MET A 218 -45.24 -66.09 26.51
CA MET A 218 -44.18 -66.99 27.02
C MET A 218 -44.63 -67.80 28.21
N TYR A 219 -45.54 -67.25 29.01
CA TYR A 219 -46.17 -67.91 30.15
C TYR A 219 -47.03 -69.09 29.62
N PHE A 220 -47.80 -68.88 28.54
CA PHE A 220 -48.61 -69.92 27.89
C PHE A 220 -47.72 -71.01 27.31
N ASN A 221 -46.53 -70.63 26.80
CA ASN A 221 -45.58 -71.59 26.24
C ASN A 221 -44.93 -72.46 27.32
N LEU A 222 -44.52 -71.84 28.44
CA LEU A 222 -43.74 -72.52 29.49
C LEU A 222 -44.56 -73.17 30.59
N GLY A 223 -45.75 -72.65 30.86
CA GLY A 223 -46.59 -73.15 31.94
C GLY A 223 -46.45 -72.26 33.17
N SER A 224 -45.35 -71.49 33.23
CA SER A 224 -45.02 -70.53 34.28
C SER A 224 -43.84 -69.63 33.79
N LEU A 225 -43.57 -68.55 34.51
CA LEU A 225 -42.45 -67.66 34.16
C LEU A 225 -41.31 -67.84 35.18
N PRO A 226 -40.03 -67.61 34.80
CA PRO A 226 -38.92 -67.82 35.75
C PRO A 226 -38.94 -66.99 37.05
N TRP A 227 -39.68 -65.86 37.06
CA TRP A 227 -39.80 -64.96 38.21
C TRP A 227 -41.13 -65.18 38.94
N GLN A 228 -41.80 -66.29 38.60
CA GLN A 228 -43.06 -66.65 39.23
C GLN A 228 -42.76 -67.50 40.46
N GLY A 229 -43.56 -67.31 41.50
CA GLY A 229 -43.47 -68.02 42.77
C GLY A 229 -42.16 -67.85 43.51
N LEU A 230 -41.63 -66.61 43.52
CA LEU A 230 -40.37 -66.34 44.24
C LEU A 230 -40.70 -66.18 45.73
N LYS A 231 -39.85 -66.73 46.61
CA LYS A 231 -40.06 -66.63 48.05
C LYS A 231 -39.65 -65.24 48.53
N ALA A 232 -40.54 -64.55 49.29
CA ALA A 232 -40.30 -63.20 49.81
C ALA A 232 -41.04 -62.96 51.13
N ALA A 233 -40.62 -61.92 51.88
CA ALA A 233 -41.21 -61.53 53.16
C ALA A 233 -42.34 -60.50 53.05
N THR A 234 -42.23 -59.52 52.13
CA THR A 234 -43.24 -58.46 51.92
C THR A 234 -43.52 -58.33 50.42
N LYS A 235 -44.75 -57.86 50.05
CA LYS A 235 -45.14 -57.68 48.65
C LYS A 235 -44.26 -56.72 47.87
N ARG A 236 -43.58 -55.78 48.55
CA ARG A 236 -42.64 -54.84 47.92
C ARG A 236 -41.32 -55.55 47.62
N GLN A 237 -40.88 -56.45 48.54
CA GLN A 237 -39.66 -57.28 48.41
C GLN A 237 -39.84 -58.33 47.30
N LYS A 238 -41.08 -58.79 47.10
CA LYS A 238 -41.42 -59.73 46.04
C LYS A 238 -41.28 -59.02 44.68
N TYR A 239 -41.73 -57.76 44.60
CA TYR A 239 -41.62 -56.94 43.39
C TYR A 239 -40.15 -56.68 43.06
N GLU A 240 -39.31 -56.42 44.08
CA GLU A 240 -37.85 -56.20 43.94
C GLU A 240 -37.17 -57.46 43.39
N ARG A 241 -37.54 -58.64 43.93
CA ARG A 241 -37.02 -59.94 43.51
C ARG A 241 -37.45 -60.28 42.07
N ILE A 242 -38.71 -59.96 41.70
CA ILE A 242 -39.26 -60.20 40.35
C ILE A 242 -38.52 -59.30 39.37
N SER A 243 -38.37 -58.00 39.73
CA SER A 243 -37.61 -57.02 38.92
C SER A 243 -36.22 -57.54 38.63
N GLU A 244 -35.52 -57.92 39.72
CA GLU A 244 -34.16 -58.45 39.64
C GLU A 244 -34.10 -59.69 38.74
N LYS A 245 -34.98 -60.69 38.97
CA LYS A 245 -35.04 -61.91 38.14
C LYS A 245 -35.32 -61.58 36.65
N LYS A 246 -36.30 -60.69 36.37
CA LYS A 246 -36.65 -60.25 35.00
C LYS A 246 -35.44 -59.58 34.33
N MET A 247 -34.74 -58.65 35.04
CA MET A 247 -33.60 -57.95 34.45
C MET A 247 -32.32 -58.82 34.30
N SER A 248 -32.26 -59.96 35.00
CA SER A 248 -31.14 -60.91 34.97
C SER A 248 -31.42 -62.08 34.01
N THR A 249 -32.64 -62.16 33.44
CA THR A 249 -33.03 -63.25 32.55
C THR A 249 -33.00 -62.77 31.12
N PRO A 250 -31.95 -63.12 30.34
CA PRO A 250 -31.92 -62.66 28.94
C PRO A 250 -33.12 -63.20 28.17
N ILE A 251 -33.65 -62.42 27.24
CA ILE A 251 -34.78 -62.82 26.38
C ILE A 251 -34.49 -64.17 25.68
N GLU A 252 -33.23 -64.39 25.24
CA GLU A 252 -32.90 -65.66 24.59
C GLU A 252 -32.98 -66.86 25.55
N VAL A 253 -32.75 -66.63 26.86
CA VAL A 253 -32.80 -67.66 27.88
C VAL A 253 -34.27 -67.97 28.18
N LEU A 254 -35.08 -66.90 28.37
CA LEU A 254 -36.52 -66.99 28.61
C LEU A 254 -37.20 -67.81 27.48
N CYS A 255 -36.82 -67.55 26.22
CA CYS A 255 -37.45 -68.12 25.05
C CYS A 255 -36.78 -69.35 24.47
N LYS A 256 -35.70 -69.86 25.13
CA LYS A 256 -34.98 -71.04 24.66
C LYS A 256 -35.89 -72.25 24.42
N GLY A 257 -35.74 -72.90 23.27
CA GLY A 257 -36.56 -74.07 22.93
C GLY A 257 -37.87 -73.74 22.22
N TYR A 258 -38.20 -72.45 22.11
CA TYR A 258 -39.44 -71.98 21.46
C TYR A 258 -39.10 -71.23 20.19
N PRO A 259 -40.02 -71.11 19.19
CA PRO A 259 -39.68 -70.35 17.97
C PRO A 259 -39.13 -68.94 18.27
N SER A 260 -38.12 -68.53 17.51
CA SER A 260 -37.44 -67.25 17.65
C SER A 260 -38.36 -66.01 17.68
N GLU A 261 -39.57 -66.12 17.08
CA GLU A 261 -40.58 -65.04 16.99
C GLU A 261 -40.95 -64.47 18.34
N PHE A 262 -41.02 -65.34 19.37
CA PHE A 262 -41.36 -64.90 20.74
C PHE A 262 -40.29 -63.96 21.28
N ALA A 263 -39.00 -64.27 21.00
CA ALA A 263 -37.84 -63.48 21.39
C ALA A 263 -37.79 -62.15 20.58
N THR A 264 -37.98 -62.25 19.24
CA THR A 264 -38.01 -61.11 18.34
C THR A 264 -39.09 -60.14 18.79
N TYR A 265 -40.29 -60.69 19.13
CA TYR A 265 -41.44 -59.92 19.65
C TYR A 265 -41.00 -59.15 20.90
N LEU A 266 -40.38 -59.83 21.89
CA LEU A 266 -39.97 -59.18 23.14
C LEU A 266 -38.83 -58.15 22.96
N ASN A 267 -37.88 -58.43 22.07
CA ASN A 267 -36.78 -57.49 21.77
C ASN A 267 -37.33 -56.23 21.10
N PHE A 268 -38.33 -56.39 20.21
CA PHE A 268 -38.98 -55.24 19.54
C PHE A 268 -39.68 -54.34 20.55
N CYS A 269 -40.48 -54.93 21.44
CA CYS A 269 -41.17 -54.18 22.50
C CYS A 269 -40.19 -53.43 23.41
N ARG A 270 -39.09 -54.08 23.81
CA ARG A 270 -38.08 -53.45 24.66
C ARG A 270 -37.32 -52.34 23.93
N SER A 271 -37.32 -52.31 22.60
CA SER A 271 -36.62 -51.30 21.79
C SER A 271 -37.43 -50.06 21.53
N LEU A 272 -38.74 -50.14 21.75
CA LEU A 272 -39.68 -49.03 21.55
C LEU A 272 -39.41 -47.87 22.47
N ARG A 273 -39.52 -46.65 21.92
CA ARG A 273 -39.34 -45.44 22.72
C ARG A 273 -40.64 -45.18 23.44
N PHE A 274 -40.60 -44.38 24.50
CA PHE A 274 -41.74 -44.09 25.35
C PHE A 274 -42.99 -43.66 24.57
N ASP A 275 -42.85 -42.71 23.62
CA ASP A 275 -44.01 -42.22 22.86
C ASP A 275 -44.18 -42.86 21.47
N ASP A 276 -43.36 -43.87 21.13
CA ASP A 276 -43.45 -44.56 19.83
C ASP A 276 -44.79 -45.24 19.64
N LYS A 277 -45.30 -45.14 18.40
CA LYS A 277 -46.48 -45.87 17.98
C LYS A 277 -45.93 -47.24 17.58
N PRO A 278 -46.35 -48.34 18.25
CA PRO A 278 -45.82 -49.66 17.88
C PRO A 278 -46.28 -50.08 16.48
N ASP A 279 -45.45 -50.87 15.79
CA ASP A 279 -45.84 -51.39 14.48
C ASP A 279 -46.59 -52.70 14.78
N TYR A 280 -47.90 -52.61 15.08
CA TYR A 280 -48.75 -53.74 15.42
C TYR A 280 -48.82 -54.77 14.29
N SER A 281 -48.89 -54.29 13.03
CA SER A 281 -48.96 -55.08 11.80
C SER A 281 -47.78 -56.02 11.68
N TYR A 282 -46.57 -55.47 11.91
CA TYR A 282 -45.32 -56.23 11.91
C TYR A 282 -45.37 -57.34 12.96
N LEU A 283 -45.84 -57.03 14.18
CA LEU A 283 -45.92 -57.98 15.27
C LEU A 283 -46.90 -59.12 14.96
N ARG A 284 -48.09 -58.81 14.41
CA ARG A 284 -49.06 -59.83 14.00
C ARG A 284 -48.48 -60.67 12.83
N GLN A 285 -47.77 -60.01 11.89
CA GLN A 285 -47.15 -60.68 10.73
C GLN A 285 -46.01 -61.62 11.15
N LEU A 286 -45.31 -61.30 12.25
CA LEU A 286 -44.24 -62.13 12.80
C LEU A 286 -44.84 -63.50 13.13
N PHE A 287 -45.93 -63.48 13.90
CA PHE A 287 -46.60 -64.69 14.33
C PHE A 287 -47.35 -65.38 13.21
N ARG A 288 -47.89 -64.61 12.25
CA ARG A 288 -48.66 -65.17 11.12
C ARG A 288 -47.75 -65.95 10.17
N ASN A 289 -46.52 -65.45 9.95
CA ASN A 289 -45.52 -66.10 9.11
C ASN A 289 -45.08 -67.40 9.78
N LEU A 290 -44.92 -67.39 11.12
CA LEU A 290 -44.57 -68.61 11.86
C LEU A 290 -45.76 -69.62 11.76
N PHE A 291 -47.00 -69.13 11.94
CA PHE A 291 -48.23 -69.92 11.87
C PHE A 291 -48.31 -70.64 10.52
N HIS A 292 -47.98 -69.94 9.43
CA HIS A 292 -47.97 -70.50 8.05
C HIS A 292 -46.79 -71.48 7.82
N ARG A 293 -45.60 -71.16 8.32
CA ARG A 293 -44.43 -72.07 8.22
C ARG A 293 -44.74 -73.39 8.94
N GLN A 294 -45.55 -73.34 10.02
CA GLN A 294 -45.96 -74.52 10.78
C GLN A 294 -47.04 -75.35 10.09
N GLY A 295 -47.65 -74.78 9.04
CA GLY A 295 -48.74 -75.43 8.29
C GLY A 295 -50.07 -75.39 9.03
N PHE A 296 -50.24 -74.45 9.99
CA PHE A 296 -51.52 -74.37 10.72
C PHE A 296 -52.60 -73.65 9.92
N SER A 297 -53.86 -73.95 10.21
CA SER A 297 -55.06 -73.33 9.61
C SER A 297 -55.72 -72.39 10.63
N TYR A 298 -56.13 -71.14 10.23
CA TYR A 298 -56.82 -70.16 11.12
C TYR A 298 -58.31 -70.57 11.15
N ASP A 299 -58.57 -71.76 11.75
CA ASP A 299 -59.88 -72.39 11.84
C ASP A 299 -60.53 -72.23 13.21
N TYR A 300 -59.84 -71.49 14.13
CA TYR A 300 -60.29 -71.19 15.49
C TYR A 300 -60.57 -72.44 16.33
N VAL A 301 -59.83 -73.54 16.08
CA VAL A 301 -59.92 -74.77 16.86
C VAL A 301 -58.80 -74.65 17.87
N PHE A 302 -59.15 -74.24 19.08
CA PHE A 302 -58.20 -74.04 20.17
C PHE A 302 -58.04 -75.37 20.90
N ASP A 303 -57.05 -75.49 21.79
CA ASP A 303 -56.83 -76.74 22.52
C ASP A 303 -58.06 -77.21 23.26
N TRP A 304 -58.77 -76.30 23.90
CA TRP A 304 -59.95 -76.61 24.69
C TRP A 304 -61.11 -77.14 23.87
N ASN A 305 -61.16 -76.86 22.56
CA ASN A 305 -62.17 -77.37 21.64
C ASN A 305 -61.98 -78.87 21.35
N MET A 306 -60.80 -79.42 21.68
CA MET A 306 -60.44 -80.82 21.44
C MET A 306 -60.66 -81.72 22.65
N LEU A 307 -61.24 -81.15 23.72
CA LEU A 307 -61.58 -81.80 24.98
C LEU A 307 -63.02 -82.35 24.96
N LEU B 17 38.60 47.10 7.88
CA LEU B 17 37.40 47.30 7.07
C LEU B 17 36.35 48.18 7.82
N ARG B 18 35.56 48.94 7.05
CA ARG B 18 34.52 49.83 7.56
C ARG B 18 33.13 49.15 7.56
N VAL B 19 32.52 49.01 8.75
CA VAL B 19 31.19 48.42 8.91
C VAL B 19 30.26 49.57 9.24
N GLY B 20 29.42 49.89 8.28
CA GLY B 20 28.57 51.08 8.28
C GLY B 20 29.51 52.20 7.91
N ASN B 21 29.63 53.17 8.81
CA ASN B 21 30.59 54.27 8.72
C ASN B 21 31.06 54.64 10.11
N ARG B 22 30.59 53.87 11.11
CA ARG B 22 30.85 54.05 12.53
C ARG B 22 31.78 52.96 13.14
N TYR B 23 31.77 51.75 12.57
CA TYR B 23 32.54 50.62 13.16
C TYR B 23 33.75 50.18 12.34
N ARG B 24 34.88 49.97 13.02
CA ARG B 24 36.10 49.50 12.39
C ARG B 24 36.23 47.99 12.69
N LEU B 25 36.34 47.18 11.63
CA LEU B 25 36.44 45.73 11.74
C LEU B 25 37.90 45.30 11.83
N GLY B 26 38.21 44.53 12.87
CA GLY B 26 39.54 43.99 13.12
C GLY B 26 39.62 42.51 12.85
N ARG B 27 40.65 41.85 13.40
CA ARG B 27 40.90 40.42 13.22
C ARG B 27 39.94 39.57 13.98
N LYS B 28 39.77 38.30 13.52
CA LYS B 28 38.91 37.29 14.12
C LYS B 28 39.36 37.03 15.57
N ILE B 29 38.41 36.94 16.49
CA ILE B 29 38.69 36.72 17.92
C ILE B 29 37.96 35.50 18.48
N GLY B 30 36.98 34.99 17.75
CA GLY B 30 36.20 33.82 18.15
C GLY B 30 35.31 33.21 17.09
N SER B 31 34.69 32.07 17.43
CA SER B 31 33.78 31.34 16.55
C SER B 31 32.38 31.36 17.14
N GLY B 32 31.38 31.52 16.27
CA GLY B 32 29.98 31.56 16.68
C GLY B 32 29.10 30.60 15.90
N SER B 33 27.92 30.25 16.50
CA SER B 33 26.89 29.31 16.01
C SER B 33 26.66 29.30 14.49
N PHE B 34 26.69 30.48 13.84
CA PHE B 34 26.53 30.67 12.39
C PHE B 34 27.24 31.94 11.90
N GLY B 35 28.57 31.94 12.07
CA GLY B 35 29.42 33.04 11.66
C GLY B 35 30.49 33.37 12.66
N ASP B 36 31.65 33.83 12.19
CA ASP B 36 32.78 34.15 13.04
C ASP B 36 32.65 35.49 13.77
N ILE B 37 33.36 35.61 14.90
CA ILE B 37 33.39 36.80 15.76
C ILE B 37 34.68 37.55 15.52
N TYR B 38 34.55 38.86 15.29
CA TYR B 38 35.69 39.72 15.03
C TYR B 38 35.80 40.84 16.06
N LEU B 39 37.01 41.33 16.32
CA LEU B 39 37.21 42.47 17.21
C LEU B 39 36.82 43.71 16.42
N GLY B 40 36.20 44.67 17.07
CA GLY B 40 35.86 45.92 16.42
C GLY B 40 36.00 47.10 17.34
N THR B 41 35.87 48.30 16.77
CA THR B 41 35.84 49.54 17.55
C THR B 41 34.70 50.39 17.05
N ASP B 42 33.91 50.91 17.99
CA ASP B 42 32.94 51.93 17.68
C ASP B 42 33.82 53.20 17.70
N ILE B 43 34.23 53.65 16.51
CA ILE B 43 35.12 54.81 16.28
C ILE B 43 34.50 56.12 16.83
N ALA B 44 33.17 56.31 16.72
CA ALA B 44 32.52 57.53 17.20
C ALA B 44 32.45 57.61 18.73
N ALA B 45 32.22 56.48 19.38
CA ALA B 45 32.11 56.39 20.84
C ALA B 45 33.43 56.07 21.58
N GLY B 46 34.41 55.53 20.89
CA GLY B 46 35.67 55.11 21.51
C GLY B 46 35.45 53.91 22.41
N GLU B 47 34.76 52.90 21.89
CA GLU B 47 34.41 51.70 22.63
C GLU B 47 34.64 50.46 21.80
N GLU B 48 35.24 49.41 22.39
CA GLU B 48 35.47 48.16 21.68
C GLU B 48 34.16 47.39 21.59
N VAL B 49 34.00 46.69 20.48
CA VAL B 49 32.81 45.88 20.22
C VAL B 49 33.25 44.50 19.69
N ALA B 50 32.29 43.58 19.61
CA ALA B 50 32.45 42.26 19.00
C ALA B 50 31.49 42.30 17.81
N ILE B 51 31.99 41.94 16.62
CA ILE B 51 31.20 41.95 15.37
C ILE B 51 30.97 40.53 14.84
N LYS B 52 29.69 40.11 14.73
CA LYS B 52 29.33 38.81 14.16
C LYS B 52 29.01 39.00 12.67
N LEU B 53 29.71 38.26 11.80
CA LEU B 53 29.56 38.29 10.34
C LEU B 53 28.98 36.98 9.77
N GLU B 54 27.91 37.08 8.97
CA GLU B 54 27.26 35.93 8.32
C GLU B 54 27.12 36.21 6.83
N CYS B 55 27.66 35.32 5.95
CA CYS B 55 27.59 35.45 4.49
C CYS B 55 26.16 35.66 4.00
N VAL B 56 25.97 36.66 3.12
CA VAL B 56 24.66 37.01 2.57
C VAL B 56 24.02 35.81 1.85
N LYS B 57 24.84 35.06 1.07
CA LYS B 57 24.38 33.90 0.30
C LYS B 57 24.63 32.54 0.99
N THR B 58 24.45 32.49 2.32
CA THR B 58 24.58 31.25 3.11
C THR B 58 23.32 30.40 2.90
N LYS B 59 23.44 29.07 3.07
CA LYS B 59 22.34 28.11 2.93
C LYS B 59 21.35 28.22 4.10
N HIS B 60 21.83 28.58 5.30
CA HIS B 60 20.99 28.74 6.50
C HIS B 60 21.18 30.13 7.14
N PRO B 61 20.52 31.20 6.62
CA PRO B 61 20.70 32.53 7.23
C PRO B 61 19.86 32.71 8.49
N GLN B 62 20.52 33.04 9.62
CA GLN B 62 19.83 33.17 10.91
C GLN B 62 20.17 34.44 11.71
N LEU B 63 21.28 35.17 11.37
CA LEU B 63 21.73 36.41 12.03
C LEU B 63 20.58 37.44 12.15
N HIS B 64 19.74 37.57 11.12
CA HIS B 64 18.59 38.47 11.09
C HIS B 64 17.51 38.12 12.10
N ILE B 65 17.16 36.84 12.22
CA ILE B 65 16.15 36.34 13.16
C ILE B 65 16.70 36.55 14.58
N GLU B 66 17.97 36.15 14.79
CA GLU B 66 18.68 36.27 16.07
C GLU B 66 18.69 37.72 16.56
N SER B 67 18.94 38.71 15.64
CA SER B 67 18.95 40.14 15.93
C SER B 67 17.62 40.61 16.50
N LYS B 68 16.50 40.13 15.93
CA LYS B 68 15.13 40.43 16.36
C LYS B 68 14.90 39.99 17.79
N ILE B 69 15.40 38.78 18.15
CA ILE B 69 15.30 38.22 19.50
C ILE B 69 16.08 39.08 20.49
N TYR B 70 17.37 39.34 20.21
CA TYR B 70 18.22 40.23 21.00
C TYR B 70 17.54 41.60 21.21
N LYS B 71 16.92 42.17 20.13
CA LYS B 71 16.23 43.45 20.17
C LYS B 71 15.03 43.44 21.13
N MET B 72 14.24 42.36 21.10
CA MET B 72 13.11 42.22 22.00
C MET B 72 13.57 42.01 23.47
N MET B 73 14.79 41.44 23.66
CA MET B 73 15.39 41.18 24.97
C MET B 73 16.08 42.43 25.58
N GLN B 74 16.31 43.49 24.77
CA GLN B 74 17.02 44.71 25.21
C GLN B 74 16.45 45.33 26.50
N GLY B 75 17.33 45.78 27.39
CA GLY B 75 16.95 46.35 28.68
C GLY B 75 17.02 45.37 29.83
N GLY B 76 17.02 44.07 29.51
CA GLY B 76 17.13 43.02 30.51
C GLY B 76 18.52 42.96 31.08
N VAL B 77 18.63 42.70 32.40
CA VAL B 77 19.92 42.57 33.11
C VAL B 77 20.65 41.38 32.45
N GLY B 78 21.90 41.57 32.07
CA GLY B 78 22.68 40.48 31.47
C GLY B 78 22.30 40.15 30.04
N ILE B 79 21.58 41.05 29.36
CA ILE B 79 21.25 40.89 27.94
C ILE B 79 22.23 41.83 27.21
N PRO B 80 23.10 41.30 26.32
CA PRO B 80 24.06 42.16 25.64
C PRO B 80 23.36 43.18 24.77
N THR B 81 23.87 44.42 24.76
CA THR B 81 23.31 45.48 23.94
C THR B 81 23.80 45.27 22.52
N ILE B 82 22.88 45.29 21.55
CA ILE B 82 23.18 45.20 20.12
C ILE B 82 23.23 46.64 19.66
N ARG B 83 24.41 47.10 19.29
CA ARG B 83 24.54 48.50 18.89
C ARG B 83 24.13 48.76 17.45
N TRP B 84 24.27 47.75 16.56
CA TRP B 84 23.94 47.88 15.14
C TRP B 84 23.70 46.52 14.48
N CYS B 85 22.83 46.52 13.45
CA CYS B 85 22.51 45.40 12.57
C CYS B 85 22.41 45.96 11.19
N GLY B 86 22.82 45.19 10.19
CA GLY B 86 22.74 45.58 8.79
C GLY B 86 23.42 44.62 7.84
N ALA B 87 23.73 45.11 6.65
CA ALA B 87 24.40 44.34 5.61
C ALA B 87 25.52 45.19 5.03
N GLU B 88 26.71 44.60 4.89
CA GLU B 88 27.90 45.26 4.38
C GLU B 88 28.60 44.27 3.45
N GLY B 89 28.66 44.63 2.17
CA GLY B 89 29.28 43.80 1.13
C GLY B 89 28.68 42.41 1.05
N ASP B 90 29.51 41.38 1.28
CA ASP B 90 29.09 39.98 1.22
C ASP B 90 28.58 39.44 2.56
N TYR B 91 28.38 40.33 3.56
CA TYR B 91 27.95 39.89 4.89
C TYR B 91 26.78 40.64 5.50
N ASN B 92 26.03 39.94 6.35
CA ASN B 92 25.02 40.45 7.25
C ASN B 92 25.83 40.66 8.55
N VAL B 93 25.70 41.85 9.15
CA VAL B 93 26.51 42.25 10.30
C VAL B 93 25.69 42.53 11.53
N MET B 94 26.18 42.06 12.67
CA MET B 94 25.60 42.36 13.97
C MET B 94 26.73 42.81 14.88
N VAL B 95 26.52 43.95 15.55
CA VAL B 95 27.52 44.55 16.46
C VAL B 95 27.01 44.48 17.90
N MET B 96 27.81 43.92 18.77
CA MET B 96 27.50 43.77 20.19
C MET B 96 28.59 44.41 21.03
N GLU B 97 28.26 44.85 22.25
CA GLU B 97 29.25 45.37 23.18
C GLU B 97 30.25 44.25 23.47
N LEU B 98 31.50 44.59 23.72
CA LEU B 98 32.51 43.59 24.00
C LEU B 98 32.28 42.99 25.38
N LEU B 99 32.32 41.65 25.43
CA LEU B 99 32.12 40.90 26.66
C LEU B 99 33.38 40.11 26.96
N GLY B 100 33.45 39.56 28.15
CA GLY B 100 34.57 38.76 28.61
C GLY B 100 34.44 37.30 28.26
N PRO B 101 35.26 36.45 28.89
CA PRO B 101 35.24 35.02 28.51
C PRO B 101 33.97 34.30 28.96
N SER B 102 33.63 33.20 28.28
CA SER B 102 32.46 32.41 28.61
C SER B 102 32.72 31.62 29.90
N LEU B 103 31.65 31.04 30.52
CA LEU B 103 31.82 30.22 31.73
C LEU B 103 32.64 28.95 31.44
N GLU B 104 32.60 28.44 30.21
CA GLU B 104 33.42 27.29 29.80
C GLU B 104 34.91 27.68 29.79
N ASP B 105 35.25 28.87 29.22
CA ASP B 105 36.65 29.36 29.19
C ASP B 105 37.14 29.59 30.60
N LEU B 106 36.32 30.17 31.45
CA LEU B 106 36.70 30.42 32.85
C LEU B 106 36.80 29.13 33.64
N PHE B 107 35.94 28.12 33.35
CA PHE B 107 36.01 26.82 34.00
C PHE B 107 37.33 26.10 33.66
N ASN B 108 37.71 26.09 32.35
CA ASN B 108 38.99 25.53 31.88
C ASN B 108 40.16 26.30 32.45
N PHE B 109 40.04 27.66 32.54
CA PHE B 109 41.09 28.48 33.12
C PHE B 109 41.28 28.19 34.62
N CYS B 110 40.21 27.75 35.31
CA CYS B 110 40.22 27.38 36.73
C CYS B 110 40.47 25.91 36.98
N SER B 111 41.07 25.21 35.99
CA SER B 111 41.41 23.77 36.08
C SER B 111 40.18 22.86 36.25
N ARG B 112 39.04 23.28 35.69
CA ARG B 112 37.77 22.54 35.69
C ARG B 112 37.30 22.22 37.12
N LYS B 113 37.48 23.19 38.02
CA LYS B 113 37.07 23.11 39.41
C LYS B 113 36.57 24.48 39.86
N PHE B 114 35.28 24.57 40.25
CA PHE B 114 34.69 25.79 40.80
C PHE B 114 34.31 25.51 42.24
N SER B 115 34.55 26.46 43.14
CA SER B 115 34.16 26.29 44.55
C SER B 115 32.61 26.33 44.63
N LEU B 116 32.03 25.89 45.74
CA LEU B 116 30.58 25.91 45.91
C LEU B 116 30.06 27.35 45.83
N LYS B 117 30.82 28.33 46.39
CA LYS B 117 30.44 29.74 46.37
C LYS B 117 30.29 30.24 44.94
N THR B 118 31.27 29.94 44.07
CA THR B 118 31.22 30.34 42.65
C THR B 118 30.00 29.72 41.94
N VAL B 119 29.75 28.42 42.14
CA VAL B 119 28.60 27.73 41.52
C VAL B 119 27.28 28.41 41.93
N LEU B 120 27.15 28.78 43.20
CA LEU B 120 25.96 29.39 43.76
C LEU B 120 25.80 30.85 43.31
N LEU B 121 26.91 31.60 43.19
CA LEU B 121 26.87 32.97 42.65
C LEU B 121 26.38 32.90 41.20
N LEU B 122 26.92 31.95 40.44
CA LEU B 122 26.54 31.74 39.05
C LEU B 122 25.09 31.26 38.92
N ALA B 123 24.66 30.29 39.75
CA ALA B 123 23.30 29.74 39.69
C ALA B 123 22.23 30.83 39.85
N ASP B 124 22.44 31.75 40.83
CA ASP B 124 21.53 32.84 41.12
C ASP B 124 21.22 33.71 39.87
N GLN B 125 22.28 34.14 39.18
CA GLN B 125 22.20 34.97 38.01
C GLN B 125 21.68 34.22 36.79
N MET B 126 22.14 32.97 36.58
CA MET B 126 21.74 32.15 35.44
C MET B 126 20.24 31.83 35.46
N ILE B 127 19.65 31.60 36.66
CA ILE B 127 18.20 31.33 36.79
C ILE B 127 17.44 32.60 36.36
N SER B 128 17.96 33.79 36.76
CA SER B 128 17.36 35.07 36.43
C SER B 128 17.42 35.38 34.96
N ARG B 129 18.53 35.05 34.27
CA ARG B 129 18.67 35.24 32.83
C ARG B 129 17.64 34.42 32.08
N ILE B 130 17.49 33.15 32.48
CA ILE B 130 16.52 32.23 31.89
C ILE B 130 15.08 32.73 32.15
N GLU B 131 14.79 33.17 33.39
CA GLU B 131 13.47 33.68 33.70
C GLU B 131 13.14 34.90 32.82
N TYR B 132 14.12 35.79 32.60
CA TYR B 132 13.94 36.97 31.77
C TYR B 132 13.59 36.59 30.33
N ILE B 133 14.33 35.64 29.73
CA ILE B 133 14.08 35.17 28.36
C ILE B 133 12.67 34.60 28.29
N HIS B 134 12.27 33.80 29.31
CA HIS B 134 10.92 33.23 29.36
C HIS B 134 9.85 34.31 29.47
N SER B 135 10.11 35.39 30.25
CA SER B 135 9.15 36.51 30.39
C SER B 135 8.93 37.24 29.07
N LYS B 136 9.89 37.09 28.14
CA LYS B 136 9.86 37.67 26.80
C LYS B 136 9.36 36.67 25.75
N ASN B 137 8.68 35.57 26.21
CA ASN B 137 7.97 34.56 25.41
C ASN B 137 8.86 33.64 24.59
N PHE B 138 10.14 33.56 24.94
CA PHE B 138 11.11 32.71 24.26
C PHE B 138 11.72 31.69 25.21
N ILE B 139 12.14 30.55 24.64
CA ILE B 139 12.92 29.51 25.33
C ILE B 139 14.29 29.52 24.63
N HIS B 140 15.36 29.38 25.38
CA HIS B 140 16.72 29.44 24.81
C HIS B 140 17.04 28.17 24.02
N ARG B 141 16.80 26.98 24.64
CA ARG B 141 16.98 25.63 24.08
C ARG B 141 18.46 25.19 23.93
N ASP B 142 19.42 26.03 24.31
CA ASP B 142 20.84 25.63 24.27
C ASP B 142 21.60 26.18 25.45
N VAL B 143 21.07 25.89 26.64
CA VAL B 143 21.65 26.31 27.91
C VAL B 143 22.90 25.44 28.18
N LYS B 144 24.08 26.09 28.11
CA LYS B 144 25.38 25.44 28.29
C LYS B 144 26.39 26.51 28.72
N PRO B 145 27.55 26.13 29.35
CA PRO B 145 28.51 27.17 29.82
C PRO B 145 29.03 28.13 28.76
N ASP B 146 29.20 27.64 27.51
CA ASP B 146 29.68 28.42 26.37
C ASP B 146 28.75 29.62 26.04
N ASN B 147 27.45 29.52 26.41
CA ASN B 147 26.47 30.55 26.08
C ASN B 147 26.22 31.55 27.21
N PHE B 148 27.07 31.54 28.25
CA PHE B 148 27.06 32.52 29.32
C PHE B 148 28.45 33.18 29.34
N LEU B 149 28.51 34.50 29.16
CA LEU B 149 29.79 35.23 29.18
C LEU B 149 29.83 36.22 30.32
N MET B 150 31.00 36.41 30.94
CA MET B 150 31.12 37.42 32.00
C MET B 150 31.30 38.78 31.33
N GLY B 151 30.84 39.85 31.97
CA GLY B 151 31.06 41.18 31.40
C GLY B 151 32.49 41.64 31.67
N LEU B 152 32.86 42.84 31.20
CA LEU B 152 34.18 43.40 31.44
C LEU B 152 34.07 44.71 32.28
N GLY B 153 35.15 45.09 32.93
CA GLY B 153 35.26 46.33 33.71
C GLY B 153 34.24 46.41 34.83
N LYS B 154 33.39 47.44 34.83
CA LYS B 154 32.35 47.63 35.86
C LYS B 154 31.28 46.55 35.79
N LYS B 155 31.18 45.84 34.63
CA LYS B 155 30.22 44.76 34.41
C LYS B 155 30.83 43.37 34.64
N GLY B 156 32.05 43.34 35.20
CA GLY B 156 32.83 42.12 35.47
C GLY B 156 32.15 41.10 36.39
N ASN B 157 31.20 41.54 37.24
CA ASN B 157 30.43 40.70 38.18
C ASN B 157 29.16 40.10 37.54
N LEU B 158 28.83 40.55 36.32
CA LEU B 158 27.60 40.19 35.61
C LEU B 158 27.79 39.06 34.63
N VAL B 159 26.87 38.09 34.72
CA VAL B 159 26.75 36.95 33.81
C VAL B 159 25.82 37.40 32.71
N TYR B 160 26.25 37.33 31.45
CA TYR B 160 25.41 37.64 30.27
C TYR B 160 25.02 36.36 29.61
N ILE B 161 23.86 36.33 28.96
CA ILE B 161 23.42 35.17 28.21
C ILE B 161 23.49 35.56 26.72
N ILE B 162 23.99 34.66 25.88
CA ILE B 162 24.15 34.88 24.45
C ILE B 162 23.57 33.71 23.65
N ASP B 163 23.61 33.88 22.31
CA ASP B 163 23.25 32.91 21.28
C ASP B 163 21.80 32.52 21.30
N PHE B 164 21.00 33.25 20.50
CA PHE B 164 19.59 32.99 20.33
C PHE B 164 19.28 32.28 19.02
N GLY B 165 20.29 31.62 18.45
CA GLY B 165 20.17 30.90 17.18
C GLY B 165 19.26 29.68 17.22
N LEU B 166 19.06 29.09 18.41
CA LEU B 166 18.14 27.94 18.57
C LEU B 166 16.90 28.32 19.36
N ALA B 167 16.81 29.61 19.77
CA ALA B 167 15.69 30.11 20.57
C ALA B 167 14.39 30.04 19.79
N LYS B 168 13.31 29.77 20.50
CA LYS B 168 12.00 29.61 19.86
C LYS B 168 10.94 30.28 20.73
N LYS B 169 9.91 30.88 20.11
CA LYS B 169 8.79 31.44 20.87
C LYS B 169 7.99 30.22 21.43
N TYR B 170 7.74 30.17 22.77
CA TYR B 170 7.03 29.05 23.41
C TYR B 170 5.58 29.38 23.67
N ARG B 171 5.23 30.68 23.61
CA ARG B 171 3.87 31.15 23.83
C ARG B 171 3.62 32.34 22.96
N ASP B 172 2.33 32.59 22.68
CA ASP B 172 1.89 33.74 21.92
C ASP B 172 2.12 34.98 22.79
N ALA B 173 2.82 35.99 22.23
CA ALA B 173 3.14 37.26 22.89
C ALA B 173 1.94 37.94 23.59
N ARG B 174 0.72 37.82 23.05
CA ARG B 174 -0.46 38.45 23.67
C ARG B 174 -1.35 37.49 24.42
N THR B 175 -1.72 36.38 23.77
CA THR B 175 -2.63 35.41 24.37
C THR B 175 -1.98 34.53 25.43
N HIS B 176 -0.63 34.42 25.41
CA HIS B 176 0.16 33.54 26.32
C HIS B 176 -0.18 32.06 26.09
N GLN B 177 -0.81 31.74 24.92
CA GLN B 177 -1.12 30.36 24.59
C GLN B 177 0.18 29.70 24.31
N HIS B 178 0.44 28.66 25.09
CA HIS B 178 1.66 27.88 24.99
C HIS B 178 1.61 27.11 23.67
N ILE B 179 2.79 26.82 23.11
CA ILE B 179 2.94 26.02 21.89
C ILE B 179 2.43 24.58 22.18
N PRO B 180 1.79 23.88 21.22
CA PRO B 180 1.24 22.54 21.52
C PRO B 180 2.29 21.50 21.89
N TYR B 181 1.88 20.46 22.62
CA TYR B 181 2.73 19.34 22.99
C TYR B 181 3.02 18.58 21.69
N ARG B 182 4.29 18.37 21.40
CA ARG B 182 4.76 17.70 20.20
C ARG B 182 5.79 16.66 20.63
N GLU B 183 5.78 15.51 19.94
CA GLU B 183 6.72 14.40 20.15
C GLU B 183 7.53 14.23 18.85
N ASN B 184 8.50 13.30 18.85
CA ASN B 184 9.38 12.96 17.72
C ASN B 184 10.12 14.17 17.13
N LYS B 185 10.53 15.08 18.02
CA LYS B 185 11.31 16.27 17.69
C LYS B 185 12.80 15.90 17.66
N ASN B 186 13.57 16.69 16.93
CA ASN B 186 15.01 16.52 16.77
C ASN B 186 15.73 17.19 17.95
N LEU B 187 16.86 16.60 18.39
CA LEU B 187 17.69 17.10 19.49
C LEU B 187 18.23 18.51 19.16
N THR B 188 17.49 19.55 19.60
CA THR B 188 17.84 20.97 19.40
C THR B 188 18.66 21.45 20.60
N GLY B 189 19.97 21.51 20.40
CA GLY B 189 20.92 21.92 21.42
C GLY B 189 22.10 20.98 21.53
N THR B 190 22.70 20.94 22.71
CA THR B 190 23.87 20.13 23.01
C THR B 190 23.41 18.90 23.79
N ALA B 191 23.80 17.70 23.33
CA ALA B 191 23.44 16.42 23.95
C ALA B 191 23.86 16.31 25.42
N ARG B 192 25.05 16.84 25.78
CA ARG B 192 25.56 16.78 27.15
C ARG B 192 24.62 17.39 28.21
N TYR B 193 23.95 18.49 27.86
CA TYR B 193 23.10 19.25 28.80
C TYR B 193 21.64 19.11 28.50
N ALA B 194 21.27 18.36 27.45
CA ALA B 194 19.88 18.16 27.06
C ALA B 194 19.04 17.50 28.16
N SER B 195 17.80 17.97 28.35
CA SER B 195 16.88 17.41 29.34
C SER B 195 16.50 15.99 28.90
N ILE B 196 16.01 15.17 29.83
CA ILE B 196 15.52 13.82 29.52
C ILE B 196 14.39 13.87 28.49
N ASN B 197 13.45 14.87 28.64
CA ASN B 197 12.33 15.04 27.72
C ASN B 197 12.87 15.24 26.28
N THR B 198 13.97 16.02 26.11
CA THR B 198 14.58 16.28 24.82
C THR B 198 15.12 15.00 24.22
N HIS B 199 15.78 14.16 25.03
CA HIS B 199 16.28 12.87 24.58
C HIS B 199 15.14 11.98 24.11
N LEU B 200 13.98 12.14 24.75
CA LEU B 200 12.76 11.40 24.38
C LEU B 200 12.10 11.93 23.11
N GLY B 201 12.53 13.10 22.63
CA GLY B 201 11.97 13.68 21.42
C GLY B 201 10.77 14.58 21.65
N ILE B 202 10.55 15.01 22.90
CA ILE B 202 9.44 15.88 23.27
C ILE B 202 9.82 17.33 22.98
N GLU B 203 8.82 18.14 22.53
CA GLU B 203 8.98 19.57 22.28
C GLU B 203 9.53 20.23 23.58
N GLN B 204 10.55 21.06 23.43
CA GLN B 204 11.17 21.78 24.54
C GLN B 204 10.29 22.92 25.04
N SER B 205 10.34 23.17 26.35
CA SER B 205 9.57 24.24 26.97
C SER B 205 10.39 24.86 28.12
N ARG B 206 9.77 25.72 28.93
CA ARG B 206 10.48 26.43 29.99
C ARG B 206 11.27 25.50 30.90
N ARG B 207 10.66 24.38 31.31
CA ARG B 207 11.27 23.40 32.21
C ARG B 207 12.63 22.85 31.71
N ASP B 208 12.77 22.67 30.37
CA ASP B 208 13.94 22.11 29.71
C ASP B 208 15.12 23.07 29.79
N ASP B 209 14.90 24.41 29.70
CA ASP B 209 16.01 25.35 29.87
C ASP B 209 16.55 25.22 31.30
N LEU B 210 15.64 25.07 32.25
CA LEU B 210 16.00 24.96 33.66
C LEU B 210 16.65 23.62 34.00
N GLU B 211 16.17 22.52 33.42
CA GLU B 211 16.80 21.22 33.66
C GLU B 211 18.26 21.23 33.15
N SER B 212 18.49 21.77 31.93
CA SER B 212 19.82 21.92 31.34
C SER B 212 20.74 22.71 32.27
N LEU B 213 20.23 23.80 32.85
CA LEU B 213 21.00 24.59 33.83
C LEU B 213 21.39 23.74 35.04
N GLY B 214 20.50 22.84 35.46
CA GLY B 214 20.78 21.91 36.56
C GLY B 214 21.95 21.00 36.25
N TYR B 215 22.08 20.53 34.97
CA TYR B 215 23.19 19.70 34.55
C TYR B 215 24.44 20.56 34.44
N VAL B 216 24.28 21.83 34.03
CA VAL B 216 25.41 22.80 33.93
C VAL B 216 26.00 23.03 35.32
N LEU B 217 25.13 23.18 36.34
CA LEU B 217 25.61 23.38 37.72
C LEU B 217 26.32 22.14 38.26
N MET B 218 25.79 20.94 37.93
CA MET B 218 26.44 19.68 38.36
C MET B 218 27.75 19.44 37.63
N TYR B 219 27.83 19.90 36.37
CA TYR B 219 29.05 19.84 35.56
C TYR B 219 30.15 20.71 36.22
N PHE B 220 29.80 21.92 36.68
CA PHE B 220 30.72 22.83 37.41
C PHE B 220 31.18 22.21 38.71
N ASN B 221 30.27 21.47 39.38
CA ASN B 221 30.60 20.81 40.64
C ASN B 221 31.56 19.64 40.44
N LEU B 222 31.30 18.80 39.43
CA LEU B 222 32.04 17.55 39.20
C LEU B 222 33.28 17.66 38.32
N GLY B 223 33.32 18.63 37.42
CA GLY B 223 34.42 18.79 36.48
C GLY B 223 34.06 18.19 35.14
N SER B 224 33.07 17.27 35.14
CA SER B 224 32.54 16.57 33.96
C SER B 224 31.23 15.86 34.35
N LEU B 225 30.47 15.40 33.37
CA LEU B 225 29.22 14.68 33.64
C LEU B 225 29.40 13.17 33.38
N PRO B 226 28.64 12.26 34.06
CA PRO B 226 28.82 10.82 33.83
C PRO B 226 28.61 10.30 32.40
N TRP B 227 27.86 11.07 31.58
CA TRP B 227 27.52 10.72 30.19
C TRP B 227 28.39 11.49 29.21
N GLN B 228 29.44 12.14 29.71
CA GLN B 228 30.38 12.89 28.91
C GLN B 228 31.48 11.95 28.44
N GLY B 229 31.93 12.16 27.20
CA GLY B 229 32.98 11.38 26.53
C GLY B 229 32.70 9.90 26.41
N LEU B 230 31.46 9.53 26.06
CA LEU B 230 31.11 8.12 25.87
C LEU B 230 31.60 7.67 24.49
N LYS B 231 32.15 6.46 24.40
CA LYS B 231 32.64 5.93 23.14
C LYS B 231 31.49 5.47 22.25
N ALA B 232 31.46 5.95 21.00
CA ALA B 232 30.43 5.62 20.01
C ALA B 232 31.00 5.70 18.58
N ALA B 233 30.45 4.93 17.66
CA ALA B 233 30.88 4.88 16.26
C ALA B 233 30.19 5.91 15.37
N THR B 234 29.05 6.47 15.80
CA THR B 234 28.27 7.44 15.01
C THR B 234 27.64 8.44 15.97
N LYS B 235 27.18 9.60 15.44
CA LYS B 235 26.45 10.64 16.18
C LYS B 235 25.16 10.02 16.78
N ARG B 236 24.39 9.29 15.95
CA ARG B 236 23.16 8.61 16.39
C ARG B 236 23.37 7.75 17.63
N GLN B 237 24.40 6.84 17.60
CA GLN B 237 24.77 5.94 18.71
C GLN B 237 25.16 6.77 19.97
N LYS B 238 25.94 7.86 19.78
CA LYS B 238 26.38 8.80 20.82
C LYS B 238 25.19 9.38 21.62
N TYR B 239 24.17 9.95 20.92
CA TYR B 239 22.99 10.54 21.56
C TYR B 239 22.18 9.48 22.32
N GLU B 240 21.96 8.31 21.71
CA GLU B 240 21.28 7.16 22.32
C GLU B 240 22.01 6.69 23.59
N ARG B 241 23.37 6.69 23.56
CA ARG B 241 24.18 6.26 24.70
C ARG B 241 24.12 7.30 25.84
N ILE B 242 24.11 8.60 25.49
CA ILE B 242 24.01 9.71 26.45
C ILE B 242 22.62 9.61 27.10
N SER B 243 21.61 9.43 26.25
CA SER B 243 20.21 9.25 26.63
C SER B 243 20.11 8.14 27.67
N GLU B 244 20.61 6.93 27.31
CA GLU B 244 20.65 5.74 28.16
C GLU B 244 21.37 6.00 29.48
N LYS B 245 22.58 6.58 29.44
CA LYS B 245 23.35 6.91 30.65
C LYS B 245 22.59 7.91 31.57
N LYS B 246 22.00 8.97 31.00
CA LYS B 246 21.20 9.98 31.72
C LYS B 246 19.96 9.37 32.38
N MET B 247 19.25 8.50 31.66
CA MET B 247 18.05 7.86 32.21
C MET B 247 18.36 6.73 33.22
N SER B 248 19.59 6.23 33.25
CA SER B 248 20.04 5.17 34.16
C SER B 248 20.80 5.75 35.38
N THR B 249 21.05 7.06 35.38
CA THR B 249 21.78 7.72 36.46
C THR B 249 20.79 8.43 37.38
N PRO B 250 20.48 7.87 38.56
CA PRO B 250 19.56 8.57 39.47
C PRO B 250 20.14 9.93 39.86
N ILE B 251 19.26 10.95 40.01
CA ILE B 251 19.65 12.30 40.44
C ILE B 251 20.46 12.23 41.76
N GLU B 252 20.09 11.34 42.68
CA GLU B 252 20.86 11.24 43.94
C GLU B 252 22.28 10.70 43.72
N VAL B 253 22.49 9.88 42.66
CA VAL B 253 23.80 9.32 42.33
C VAL B 253 24.64 10.44 41.67
N LEU B 254 24.04 11.16 40.72
CA LEU B 254 24.65 12.29 40.04
C LEU B 254 25.17 13.35 41.03
N CYS B 255 24.36 13.65 42.04
CA CYS B 255 24.60 14.69 43.02
C CYS B 255 25.23 14.23 44.33
N LYS B 256 25.59 12.91 44.46
CA LYS B 256 26.22 12.37 45.68
C LYS B 256 27.48 13.17 46.08
N GLY B 257 27.59 13.51 47.37
CA GLY B 257 28.71 14.27 47.89
C GLY B 257 28.57 15.79 47.78
N TYR B 258 27.48 16.27 47.15
CA TYR B 258 27.22 17.69 46.97
C TYR B 258 25.97 18.09 47.73
N PRO B 259 25.77 19.37 48.11
CA PRO B 259 24.54 19.75 48.84
C PRO B 259 23.27 19.29 48.15
N SER B 260 22.31 18.80 48.94
CA SER B 260 21.02 18.28 48.49
C SER B 260 20.24 19.20 47.54
N GLU B 261 20.51 20.53 47.60
CA GLU B 261 19.85 21.58 46.77
C GLU B 261 19.98 21.32 45.28
N PHE B 262 21.15 20.79 44.86
CA PHE B 262 21.38 20.47 43.44
C PHE B 262 20.44 19.37 42.96
N ALA B 263 20.18 18.39 43.83
CA ALA B 263 19.26 17.25 43.59
C ALA B 263 17.79 17.74 43.62
N THR B 264 17.44 18.54 44.65
CA THR B 264 16.11 19.12 44.80
C THR B 264 15.78 19.98 43.56
N TYR B 265 16.78 20.76 43.10
CA TYR B 265 16.66 21.60 41.90
C TYR B 265 16.31 20.70 40.70
N LEU B 266 17.09 19.63 40.47
CA LEU B 266 16.86 18.74 39.33
C LEU B 266 15.53 17.94 39.42
N ASN B 267 15.14 17.52 40.63
CA ASN B 267 13.87 16.81 40.83
C ASN B 267 12.68 17.73 40.55
N PHE B 268 12.80 19.01 40.94
CA PHE B 268 11.73 20.02 40.70
C PHE B 268 11.57 20.24 39.19
N CYS B 269 12.68 20.44 38.46
CA CYS B 269 12.63 20.61 37.00
C CYS B 269 12.02 19.41 36.29
N ARG B 270 12.39 18.18 36.71
CA ARG B 270 11.84 16.97 36.12
C ARG B 270 10.37 16.78 36.44
N SER B 271 9.85 17.44 37.49
CA SER B 271 8.44 17.30 37.92
C SER B 271 7.49 18.25 37.20
N LEU B 272 8.05 19.28 36.58
CA LEU B 272 7.29 20.30 35.87
C LEU B 272 6.54 19.75 34.69
N ARG B 273 5.32 20.22 34.50
CA ARG B 273 4.50 19.83 33.34
C ARG B 273 4.96 20.64 32.15
N PHE B 274 4.65 20.15 30.95
CA PHE B 274 5.07 20.77 29.69
C PHE B 274 4.80 22.28 29.64
N ASP B 275 3.57 22.71 29.97
CA ASP B 275 3.24 24.16 29.91
C ASP B 275 3.33 24.91 31.26
N ASP B 276 3.87 24.24 32.33
CA ASP B 276 3.99 24.88 33.65
C ASP B 276 4.91 26.07 33.64
N LYS B 277 4.50 27.11 34.37
CA LYS B 277 5.34 28.26 34.61
C LYS B 277 6.22 27.83 35.79
N PRO B 278 7.55 27.76 35.62
CA PRO B 278 8.41 27.35 36.75
C PRO B 278 8.39 28.35 37.89
N ASP B 279 8.59 27.86 39.12
CA ASP B 279 8.65 28.77 40.27
C ASP B 279 10.12 29.17 40.38
N TYR B 280 10.55 30.17 39.60
CA TYR B 280 11.94 30.65 39.55
C TYR B 280 12.43 31.14 40.91
N SER B 281 11.56 31.85 41.65
CA SER B 281 11.81 32.42 42.98
C SER B 281 12.22 31.34 43.96
N TYR B 282 11.45 30.23 43.98
CA TYR B 282 11.73 29.06 44.81
C TYR B 282 13.11 28.49 44.49
N LEU B 283 13.45 28.35 43.19
CA LEU B 283 14.73 27.81 42.76
C LEU B 283 15.89 28.70 43.18
N ARG B 284 15.76 30.04 43.03
CA ARG B 284 16.81 30.96 43.48
C ARG B 284 16.91 30.91 45.02
N GLN B 285 15.77 30.82 45.71
CA GLN B 285 15.72 30.76 47.17
C GLN B 285 16.34 29.45 47.72
N LEU B 286 16.23 28.31 47.00
CA LEU B 286 16.84 27.01 47.36
C LEU B 286 18.34 27.25 47.53
N PHE B 287 18.96 27.86 46.50
CA PHE B 287 20.39 28.13 46.46
C PHE B 287 20.83 29.24 47.38
N ARG B 288 19.97 30.25 47.58
CA ARG B 288 20.26 31.38 48.46
C ARG B 288 20.31 30.94 49.92
N ASN B 289 19.39 30.03 50.32
CA ASN B 289 19.34 29.50 51.67
C ASN B 289 20.59 28.66 51.92
N LEU B 290 21.04 27.93 50.89
CA LEU B 290 22.27 27.13 50.95
C LEU B 290 23.48 28.07 51.11
N PHE B 291 23.52 29.12 50.28
CA PHE B 291 24.56 30.15 50.27
C PHE B 291 24.72 30.80 51.67
N HIS B 292 23.59 31.12 52.32
CA HIS B 292 23.55 31.70 53.66
C HIS B 292 23.96 30.69 54.75
N ARG B 293 23.49 29.44 54.67
CA ARG B 293 23.88 28.37 55.62
C ARG B 293 25.40 28.14 55.56
N GLN B 294 26.00 28.32 54.37
CA GLN B 294 27.44 28.18 54.18
C GLN B 294 28.25 29.37 54.73
N GLY B 295 27.57 30.47 55.05
CA GLY B 295 28.19 31.69 55.54
C GLY B 295 28.86 32.52 54.45
N PHE B 296 28.47 32.32 53.18
CA PHE B 296 29.05 33.09 52.08
C PHE B 296 28.43 34.49 51.97
N SER B 297 29.20 35.45 51.42
CA SER B 297 28.77 36.83 51.16
C SER B 297 28.55 37.01 49.66
N TYR B 298 27.43 37.70 49.24
CA TYR B 298 27.13 37.97 47.81
C TYR B 298 27.95 39.19 47.40
N ASP B 299 29.28 39.00 47.33
CA ASP B 299 30.28 40.06 47.06
C ASP B 299 30.89 39.96 45.66
N TYR B 300 30.38 39.01 44.85
CA TYR B 300 30.79 38.79 43.45
C TYR B 300 32.29 38.50 43.28
N VAL B 301 32.91 37.87 44.28
CA VAL B 301 34.31 37.46 44.21
C VAL B 301 34.24 35.98 43.80
N PHE B 302 34.42 35.74 42.50
CA PHE B 302 34.36 34.42 41.91
C PHE B 302 35.76 33.80 42.03
N ASP B 303 35.90 32.50 41.77
CA ASP B 303 37.20 31.83 41.87
C ASP B 303 38.28 32.49 41.03
N TRP B 304 37.95 32.88 39.80
CA TRP B 304 38.89 33.49 38.90
C TRP B 304 39.40 34.86 39.35
N ASN B 305 38.66 35.56 40.22
CA ASN B 305 39.07 36.84 40.81
C ASN B 305 40.20 36.68 41.85
N MET B 306 40.44 35.44 42.29
CA MET B 306 41.45 35.10 43.31
C MET B 306 42.77 34.63 42.70
N LEU B 307 42.86 34.66 41.35
CA LEU B 307 44.02 34.28 40.54
C LEU B 307 44.94 35.48 40.26
N ARG C 18 -18.86 -10.95 -38.21
CA ARG C 18 -18.51 -10.29 -36.96
C ARG C 18 -17.20 -9.53 -37.08
N VAL C 19 -17.13 -8.37 -36.42
CA VAL C 19 -15.96 -7.50 -36.35
C VAL C 19 -15.89 -6.88 -34.95
N GLY C 20 -14.72 -6.94 -34.34
CA GLY C 20 -14.44 -6.40 -33.01
C GLY C 20 -15.51 -6.58 -31.97
N ASN C 21 -16.02 -7.83 -31.84
CA ASN C 21 -17.03 -8.35 -30.92
C ASN C 21 -18.44 -7.71 -31.02
N ARG C 22 -18.58 -6.41 -31.33
CA ARG C 22 -19.90 -5.80 -31.37
C ARG C 22 -20.35 -5.30 -32.75
N TYR C 23 -19.52 -5.43 -33.81
CA TYR C 23 -19.91 -4.93 -35.13
C TYR C 23 -20.26 -6.06 -36.04
N ARG C 24 -21.26 -5.83 -36.87
CA ARG C 24 -21.71 -6.80 -37.87
C ARG C 24 -21.38 -6.21 -39.24
N LEU C 25 -20.65 -6.98 -40.04
CA LEU C 25 -20.20 -6.57 -41.37
C LEU C 25 -21.20 -6.97 -42.43
N GLY C 26 -21.61 -6.01 -43.22
CA GLY C 26 -22.53 -6.21 -44.34
C GLY C 26 -21.81 -6.09 -45.68
N ARG C 27 -22.59 -5.88 -46.74
CA ARG C 27 -22.08 -5.79 -48.11
C ARG C 27 -21.35 -4.50 -48.38
N LYS C 28 -20.49 -4.50 -49.42
CA LYS C 28 -19.72 -3.35 -49.86
C LYS C 28 -20.68 -2.24 -50.28
N ILE C 29 -20.38 -0.99 -49.88
CA ILE C 29 -21.23 0.18 -50.16
C ILE C 29 -20.47 1.27 -50.88
N GLY C 30 -19.15 1.11 -50.95
CA GLY C 30 -18.26 2.06 -51.62
C GLY C 30 -16.82 1.58 -51.70
N SER C 31 -15.94 2.46 -52.19
CA SER C 31 -14.52 2.17 -52.36
C SER C 31 -13.66 3.34 -51.89
N GLY C 32 -12.55 3.04 -51.22
CA GLY C 32 -11.64 4.02 -50.65
C GLY C 32 -10.19 3.78 -51.00
N SER C 33 -9.33 4.76 -50.67
CA SER C 33 -7.89 4.67 -50.93
C SER C 33 -7.27 3.75 -49.87
N PHE C 34 -6.56 2.70 -50.33
CA PHE C 34 -5.93 1.68 -49.50
C PHE C 34 -6.98 0.89 -48.71
N GLY C 35 -8.06 0.49 -49.40
CA GLY C 35 -9.13 -0.30 -48.80
C GLY C 35 -10.54 0.16 -49.03
N ASP C 36 -11.45 -0.78 -49.33
CA ASP C 36 -12.88 -0.59 -49.60
C ASP C 36 -13.74 -0.34 -48.35
N ILE C 37 -15.00 0.07 -48.56
CA ILE C 37 -15.97 0.44 -47.53
C ILE C 37 -17.15 -0.50 -47.55
N TYR C 38 -17.57 -0.91 -46.36
CA TYR C 38 -18.69 -1.85 -46.17
C TYR C 38 -19.71 -1.28 -45.21
N LEU C 39 -20.98 -1.69 -45.35
CA LEU C 39 -22.03 -1.28 -44.44
C LEU C 39 -21.84 -2.11 -43.21
N GLY C 40 -22.07 -1.52 -42.06
CA GLY C 40 -21.99 -2.26 -40.80
C GLY C 40 -23.03 -1.81 -39.81
N THR C 41 -23.15 -2.55 -38.71
CA THR C 41 -24.00 -2.17 -37.60
C THR C 41 -23.23 -2.33 -36.33
N ASP C 42 -23.26 -1.31 -35.49
CA ASP C 42 -22.72 -1.39 -34.15
C ASP C 42 -23.92 -2.04 -33.42
N ILE C 43 -23.83 -3.36 -33.21
CA ILE C 43 -24.87 -4.21 -32.63
C ILE C 43 -25.19 -3.81 -31.19
N ALA C 44 -24.18 -3.39 -30.40
CA ALA C 44 -24.42 -3.03 -29.00
C ALA C 44 -25.16 -1.69 -28.82
N ALA C 45 -24.87 -0.72 -29.71
CA ALA C 45 -25.46 0.62 -29.69
C ALA C 45 -26.68 0.79 -30.59
N GLY C 46 -26.91 -0.12 -31.53
CA GLY C 46 -28.01 0.01 -32.47
C GLY C 46 -27.82 1.19 -33.41
N GLU C 47 -26.62 1.27 -34.02
CA GLU C 47 -26.24 2.37 -34.90
C GLU C 47 -25.52 1.85 -36.13
N GLU C 48 -25.84 2.38 -37.31
CA GLU C 48 -25.19 1.95 -38.56
C GLU C 48 -23.84 2.60 -38.63
N VAL C 49 -22.88 1.88 -39.19
CA VAL C 49 -21.51 2.35 -39.34
C VAL C 49 -21.00 2.06 -40.76
N ALA C 50 -19.85 2.64 -41.09
CA ALA C 50 -19.11 2.38 -42.33
C ALA C 50 -17.81 1.74 -41.85
N ILE C 51 -17.45 0.57 -42.43
CA ILE C 51 -16.27 -0.20 -42.08
C ILE C 51 -15.25 -0.18 -43.21
N LYS C 52 -14.03 0.34 -42.93
CA LYS C 52 -12.93 0.34 -43.89
C LYS C 52 -12.04 -0.91 -43.61
N LEU C 53 -11.84 -1.77 -44.64
CA LEU C 53 -11.04 -2.99 -44.55
C LEU C 53 -9.73 -2.89 -45.37
N GLU C 54 -8.55 -3.14 -44.72
CA GLU C 54 -7.22 -3.12 -45.35
C GLU C 54 -6.52 -4.46 -45.11
N CYS C 55 -6.03 -5.12 -46.17
CA CYS C 55 -5.28 -6.38 -46.08
C CYS C 55 -4.09 -6.31 -45.08
N VAL C 56 -4.14 -7.16 -44.03
CA VAL C 56 -3.21 -7.24 -42.91
C VAL C 56 -1.72 -7.42 -43.33
N LYS C 57 -1.46 -8.10 -44.46
CA LYS C 57 -0.11 -8.37 -44.92
C LYS C 57 0.37 -7.44 -46.05
N THR C 58 -0.20 -6.21 -46.17
CA THR C 58 0.28 -5.22 -47.16
C THR C 58 1.73 -4.87 -46.83
N LYS C 59 2.55 -4.55 -47.86
CA LYS C 59 3.96 -4.17 -47.72
C LYS C 59 4.11 -2.95 -46.77
N HIS C 60 3.20 -1.97 -46.89
CA HIS C 60 3.22 -0.78 -46.04
C HIS C 60 1.90 -0.63 -45.28
N PRO C 61 1.83 -0.97 -43.95
CA PRO C 61 0.57 -0.77 -43.19
C PRO C 61 0.23 0.71 -43.06
N GLN C 62 -1.02 1.10 -43.43
CA GLN C 62 -1.49 2.49 -43.46
C GLN C 62 -2.64 2.80 -42.51
N LEU C 63 -3.65 1.89 -42.45
CA LEU C 63 -4.86 2.05 -41.65
C LEU C 63 -4.61 2.38 -40.19
N HIS C 64 -3.65 1.70 -39.52
CA HIS C 64 -3.33 2.06 -38.12
C HIS C 64 -2.63 3.44 -38.04
N ILE C 65 -1.89 3.86 -39.08
CA ILE C 65 -1.29 5.21 -39.09
C ILE C 65 -2.41 6.23 -39.26
N GLU C 66 -3.30 6.01 -40.28
CA GLU C 66 -4.45 6.85 -40.57
C GLU C 66 -5.38 6.95 -39.35
N SER C 67 -5.61 5.82 -38.60
CA SER C 67 -6.46 5.79 -37.41
C SER C 67 -5.90 6.67 -36.28
N LYS C 68 -4.56 6.68 -36.12
CA LYS C 68 -3.87 7.54 -35.15
C LYS C 68 -4.11 9.02 -35.52
N ILE C 69 -4.07 9.35 -36.84
CA ILE C 69 -4.31 10.71 -37.34
C ILE C 69 -5.76 11.11 -37.01
N TYR C 70 -6.77 10.29 -37.40
CA TYR C 70 -8.19 10.50 -37.08
C TYR C 70 -8.37 10.68 -35.55
N LYS C 71 -7.65 9.87 -34.72
CA LYS C 71 -7.75 9.96 -33.25
C LYS C 71 -7.23 11.29 -32.72
N MET C 72 -6.12 11.80 -33.28
CA MET C 72 -5.56 13.10 -32.94
C MET C 72 -6.51 14.25 -33.39
N MET C 73 -7.29 14.03 -34.48
CA MET C 73 -8.27 15.00 -35.03
C MET C 73 -9.61 15.00 -34.28
N GLN C 74 -9.89 13.97 -33.42
CA GLN C 74 -11.18 13.83 -32.72
C GLN C 74 -11.59 15.06 -31.94
N GLY C 75 -12.89 15.36 -31.99
CA GLY C 75 -13.46 16.53 -31.32
C GLY C 75 -13.56 17.75 -32.21
N GLY C 76 -12.85 17.74 -33.34
CA GLY C 76 -12.93 18.82 -34.32
C GLY C 76 -14.26 18.75 -35.04
N VAL C 77 -14.82 19.92 -35.35
CA VAL C 77 -16.11 20.03 -36.07
C VAL C 77 -15.88 19.38 -37.45
N GLY C 78 -16.76 18.48 -37.85
CA GLY C 78 -16.67 17.85 -39.15
C GLY C 78 -15.58 16.80 -39.24
N ILE C 79 -15.09 16.32 -38.10
CA ILE C 79 -14.10 15.23 -38.08
C ILE C 79 -14.93 13.97 -37.70
N PRO C 80 -15.00 12.96 -38.59
CA PRO C 80 -15.80 11.76 -38.26
C PRO C 80 -15.25 11.04 -37.05
N THR C 81 -16.16 10.52 -36.24
CA THR C 81 -15.78 9.79 -35.05
C THR C 81 -15.41 8.36 -35.45
N ILE C 82 -14.29 7.90 -34.92
N ILE C 82 -14.29 7.88 -34.94
CA ILE C 82 -13.85 6.51 -35.07
CA ILE C 82 -13.79 6.53 -35.18
C ILE C 82 -14.40 5.80 -33.88
C ILE C 82 -14.13 5.65 -33.98
N ARG C 83 -15.11 4.73 -34.14
CA ARG C 83 -15.69 3.87 -33.10
C ARG C 83 -14.72 2.78 -32.64
N TRP C 84 -14.02 2.14 -33.59
CA TRP C 84 -13.14 1.01 -33.33
C TRP C 84 -12.06 0.87 -34.41
N CYS C 85 -10.92 0.29 -33.99
N CYS C 85 -10.90 0.32 -33.97
CA CYS C 85 -9.80 -0.02 -34.86
CA CYS C 85 -9.70 0.01 -34.75
C CYS C 85 -9.11 -1.28 -34.31
C CYS C 85 -9.19 -1.35 -34.28
N GLY C 86 -8.76 -2.18 -35.21
CA GLY C 86 -8.17 -3.49 -34.88
C GLY C 86 -7.84 -4.35 -36.07
N ALA C 87 -7.72 -5.65 -35.83
CA ALA C 87 -7.40 -6.63 -36.86
C ALA C 87 -8.35 -7.80 -36.72
N GLU C 88 -8.90 -8.25 -37.85
CA GLU C 88 -9.85 -9.35 -37.93
C GLU C 88 -9.47 -10.17 -39.16
N GLY C 89 -9.06 -11.41 -38.93
CA GLY C 89 -8.63 -12.33 -39.98
C GLY C 89 -7.55 -11.79 -40.87
N ASP C 90 -7.86 -11.64 -42.18
CA ASP C 90 -6.89 -11.14 -43.18
C ASP C 90 -6.92 -9.61 -43.33
N TYR C 91 -7.63 -8.91 -42.43
CA TYR C 91 -7.77 -7.46 -42.53
C TYR C 91 -7.50 -6.66 -41.26
N ASN C 92 -7.09 -5.41 -41.46
CA ASN C 92 -6.97 -4.33 -40.50
C ASN C 92 -8.33 -3.65 -40.67
N VAL C 93 -9.01 -3.35 -39.56
CA VAL C 93 -10.34 -2.81 -39.61
C VAL C 93 -10.45 -1.47 -38.93
N MET C 94 -11.17 -0.55 -39.56
CA MET C 94 -11.48 0.75 -38.98
C MET C 94 -12.97 0.97 -39.13
N VAL C 95 -13.62 1.36 -38.03
CA VAL C 95 -15.07 1.59 -37.96
C VAL C 95 -15.34 3.08 -37.74
N MET C 96 -16.14 3.67 -38.62
CA MET C 96 -16.52 5.09 -38.55
C MET C 96 -18.04 5.20 -38.49
N GLU C 97 -18.55 6.29 -37.92
CA GLU C 97 -19.99 6.58 -37.92
C GLU C 97 -20.42 6.68 -39.40
N LEU C 98 -21.64 6.29 -39.70
CA LEU C 98 -22.14 6.36 -41.06
C LEU C 98 -22.39 7.81 -41.44
N LEU C 99 -21.87 8.19 -42.62
CA LEU C 99 -22.01 9.55 -43.15
C LEU C 99 -22.83 9.48 -44.44
N GLY C 100 -23.19 10.65 -44.93
CA GLY C 100 -23.98 10.80 -46.15
C GLY C 100 -23.10 10.81 -47.39
N PRO C 101 -23.69 11.20 -48.54
CA PRO C 101 -22.91 11.18 -49.79
C PRO C 101 -21.83 12.27 -49.84
N SER C 102 -20.81 12.02 -50.68
CA SER C 102 -19.72 12.97 -50.87
C SER C 102 -20.16 14.21 -51.66
N LEU C 103 -19.34 15.28 -51.64
CA LEU C 103 -19.69 16.46 -52.43
C LEU C 103 -19.68 16.14 -53.93
N GLU C 104 -18.87 15.17 -54.36
CA GLU C 104 -18.84 14.69 -55.75
C GLU C 104 -20.16 14.00 -56.11
N ASP C 105 -20.67 13.09 -55.22
CA ASP C 105 -21.93 12.38 -55.44
C ASP C 105 -23.09 13.39 -55.49
N LEU C 106 -23.08 14.38 -54.58
CA LEU C 106 -24.10 15.42 -54.53
C LEU C 106 -24.03 16.34 -55.75
N PHE C 107 -22.81 16.63 -56.23
CA PHE C 107 -22.62 17.46 -57.43
C PHE C 107 -23.18 16.76 -58.66
N ASN C 108 -22.88 15.46 -58.83
CA ASN C 108 -23.43 14.63 -59.92
C ASN C 108 -24.94 14.49 -59.79
N PHE C 109 -25.44 14.30 -58.57
CA PHE C 109 -26.89 14.23 -58.30
C PHE C 109 -27.61 15.56 -58.67
N CYS C 110 -26.91 16.69 -58.58
CA CYS C 110 -27.43 18.02 -58.90
C CYS C 110 -27.12 18.44 -60.33
N SER C 111 -26.85 17.46 -61.23
CA SER C 111 -26.53 17.68 -62.65
C SER C 111 -25.27 18.54 -62.87
N ARG C 112 -24.30 18.43 -61.95
CA ARG C 112 -22.99 19.14 -62.00
C ARG C 112 -23.16 20.65 -62.07
N LYS C 113 -24.12 21.17 -61.32
CA LYS C 113 -24.40 22.60 -61.20
C LYS C 113 -24.82 22.90 -59.75
N PHE C 114 -24.05 23.74 -59.06
CA PHE C 114 -24.35 24.24 -57.71
C PHE C 114 -24.60 25.76 -57.80
N SER C 115 -25.63 26.25 -57.08
CA SER C 115 -25.91 27.70 -57.05
C SER C 115 -24.74 28.39 -56.31
N LEU C 116 -24.62 29.71 -56.45
CA LEU C 116 -23.56 30.45 -55.78
C LEU C 116 -23.69 30.31 -54.26
N LYS C 117 -24.94 30.31 -53.73
CA LYS C 117 -25.19 30.17 -52.30
C LYS C 117 -24.64 28.85 -51.78
N THR C 118 -24.90 27.71 -52.50
CA THR C 118 -24.37 26.39 -52.10
C THR C 118 -22.82 26.40 -52.08
N VAL C 119 -22.19 26.95 -53.14
CA VAL C 119 -20.71 27.05 -53.21
C VAL C 119 -20.16 27.84 -52.00
N LEU C 120 -20.80 28.95 -51.63
CA LEU C 120 -20.35 29.78 -50.50
C LEU C 120 -20.59 29.13 -49.16
N LEU C 121 -21.75 28.41 -49.01
CA LEU C 121 -22.02 27.66 -47.78
C LEU C 121 -20.94 26.58 -47.60
N LEU C 122 -20.61 25.88 -48.69
CA LEU C 122 -19.60 24.84 -48.69
C LEU C 122 -18.20 25.42 -48.45
N ALA C 123 -17.85 26.56 -49.11
CA ALA C 123 -16.51 27.16 -48.98
C ALA C 123 -16.22 27.52 -47.51
N ASP C 124 -17.20 28.11 -46.81
CA ASP C 124 -17.06 28.52 -45.41
C ASP C 124 -16.62 27.37 -44.50
N GLN C 125 -17.33 26.24 -44.60
CA GLN C 125 -17.06 25.04 -43.82
C GLN C 125 -15.76 24.34 -44.23
N MET C 126 -15.51 24.22 -45.54
CA MET C 126 -14.33 23.56 -46.07
C MET C 126 -13.03 24.26 -45.68
N ILE C 127 -13.02 25.62 -45.64
CA ILE C 127 -11.84 26.39 -45.20
C ILE C 127 -11.56 26.04 -43.71
N SER C 128 -12.62 25.95 -42.91
CA SER C 128 -12.56 25.63 -41.48
C SER C 128 -12.04 24.22 -41.23
N ARG C 129 -12.45 23.24 -42.07
CA ARG C 129 -11.99 21.84 -41.94
C ARG C 129 -10.49 21.78 -42.17
N ILE C 130 -10.03 22.49 -43.21
CA ILE C 130 -8.62 22.56 -43.56
C ILE C 130 -7.82 23.26 -42.48
N GLU C 131 -8.35 24.39 -41.96
CA GLU C 131 -7.69 25.10 -40.86
C GLU C 131 -7.51 24.19 -39.64
N TYR C 132 -8.54 23.41 -39.30
CA TYR C 132 -8.51 22.50 -38.18
C TYR C 132 -7.40 21.46 -38.33
N ILE C 133 -7.30 20.82 -39.50
CA ILE C 133 -6.27 19.82 -39.78
C ILE C 133 -4.89 20.47 -39.62
N HIS C 134 -4.73 21.71 -40.13
CA HIS C 134 -3.47 22.44 -40.04
C HIS C 134 -3.13 22.76 -38.56
N SER C 135 -4.15 23.11 -37.73
CA SER C 135 -3.94 23.38 -36.29
C SER C 135 -3.45 22.14 -35.54
N LYS C 136 -3.72 20.94 -36.12
CA LYS C 136 -3.30 19.66 -35.58
C LYS C 136 -2.00 19.16 -36.21
N ASN C 137 -1.23 20.09 -36.86
CA ASN C 137 0.13 19.87 -37.42
C ASN C 137 0.21 18.98 -38.65
N PHE C 138 -0.91 18.80 -39.35
CA PHE C 138 -0.98 17.96 -40.53
C PHE C 138 -1.48 18.74 -41.72
N ILE C 139 -1.06 18.31 -42.90
CA ILE C 139 -1.58 18.79 -44.19
C ILE C 139 -2.29 17.57 -44.80
N HIS C 140 -3.44 17.79 -45.43
CA HIS C 140 -4.30 16.72 -45.96
C HIS C 140 -3.71 16.12 -47.20
N ARG C 141 -3.29 16.99 -48.15
CA ARG C 141 -2.65 16.68 -49.43
C ARG C 141 -3.55 16.03 -50.49
N ASP C 142 -4.84 15.81 -50.19
CA ASP C 142 -5.76 15.28 -51.20
C ASP C 142 -7.14 15.92 -51.10
N VAL C 143 -7.14 17.25 -51.15
CA VAL C 143 -8.34 18.06 -51.11
C VAL C 143 -9.08 17.94 -52.45
N LYS C 144 -10.24 17.25 -52.42
CA LYS C 144 -11.08 16.99 -53.60
C LYS C 144 -12.52 16.75 -53.16
N PRO C 145 -13.56 16.93 -54.02
CA PRO C 145 -14.96 16.74 -53.57
C PRO C 145 -15.28 15.37 -52.94
N ASP C 146 -14.63 14.30 -53.42
CA ASP C 146 -14.80 12.92 -52.95
C ASP C 146 -14.41 12.76 -51.47
N ASN C 147 -13.53 13.63 -50.95
CA ASN C 147 -13.06 13.56 -49.58
C ASN C 147 -13.81 14.45 -48.60
N PHE C 148 -14.97 15.01 -49.03
CA PHE C 148 -15.84 15.79 -48.17
C PHE C 148 -17.20 15.10 -48.23
N LEU C 149 -17.73 14.66 -47.08
CA LEU C 149 -19.05 13.99 -47.06
C LEU C 149 -20.00 14.78 -46.19
N MET C 150 -21.28 14.80 -46.57
CA MET C 150 -22.27 15.47 -45.73
C MET C 150 -22.67 14.52 -44.61
N GLY C 151 -23.02 15.04 -43.44
CA GLY C 151 -23.46 14.14 -42.37
C GLY C 151 -24.91 13.70 -42.60
N LEU C 152 -25.43 12.85 -41.71
CA LEU C 152 -26.83 12.40 -41.82
C LEU C 152 -27.63 12.89 -40.60
N GLY C 153 -28.96 12.86 -40.71
CA GLY C 153 -29.86 13.26 -39.63
C GLY C 153 -29.65 14.69 -39.16
N LYS C 154 -29.43 14.85 -37.85
CA LYS C 154 -29.19 16.16 -37.24
C LYS C 154 -27.86 16.78 -37.70
N LYS C 155 -26.95 15.95 -38.26
CA LYS C 155 -25.66 16.39 -38.77
C LYS C 155 -25.68 16.64 -40.30
N GLY C 156 -26.89 16.61 -40.89
CA GLY C 156 -27.11 16.81 -42.33
C GLY C 156 -26.61 18.12 -42.94
N ASN C 157 -26.42 19.15 -42.11
CA ASN C 157 -25.95 20.47 -42.54
C ASN C 157 -24.40 20.58 -42.47
N LEU C 158 -23.74 19.55 -41.91
CA LEU C 158 -22.30 19.52 -41.66
C LEU C 158 -21.52 18.82 -42.74
N VAL C 159 -20.47 19.48 -43.23
CA VAL C 159 -19.50 18.97 -44.18
C VAL C 159 -18.42 18.29 -43.33
N TYR C 160 -18.16 17.00 -43.57
CA TYR C 160 -17.11 16.24 -42.91
C TYR C 160 -15.95 16.10 -43.85
N ILE C 161 -14.74 16.03 -43.31
CA ILE C 161 -13.55 15.78 -44.13
C ILE C 161 -13.07 14.36 -43.80
N ILE C 162 -12.72 13.58 -44.80
CA ILE C 162 -12.26 12.20 -44.64
C ILE C 162 -10.96 11.97 -45.38
N ASP C 163 -10.43 10.74 -45.23
CA ASP C 163 -9.27 10.19 -45.90
C ASP C 163 -7.96 10.90 -45.57
N PHE C 164 -7.28 10.35 -44.56
CA PHE C 164 -5.99 10.84 -44.10
C PHE C 164 -4.88 9.94 -44.59
N GLY C 165 -5.19 9.16 -45.63
CA GLY C 165 -4.24 8.24 -46.27
C GLY C 165 -3.00 8.88 -46.84
N LEU C 166 -3.09 10.15 -47.29
CA LEU C 166 -1.95 10.89 -47.88
C LEU C 166 -1.48 12.00 -46.97
N ALA C 167 -2.13 12.14 -45.80
CA ALA C 167 -1.83 13.20 -44.84
C ALA C 167 -0.44 13.09 -44.30
N LYS C 168 0.21 14.22 -44.05
CA LYS C 168 1.59 14.23 -43.57
C LYS C 168 1.75 15.34 -42.53
N LYS C 169 2.60 15.11 -41.50
CA LYS C 169 2.90 16.13 -40.51
C LYS C 169 3.75 17.22 -41.21
N TYR C 170 3.36 18.51 -41.14
CA TYR C 170 4.11 19.60 -41.80
C TYR C 170 4.98 20.35 -40.81
N ARG C 171 4.74 20.18 -39.52
CA ARG C 171 5.47 20.85 -38.45
C ARG C 171 5.58 19.91 -37.25
N GLN C 177 8.52 23.33 -35.62
CA GLN C 177 9.17 23.88 -36.79
C GLN C 177 8.65 23.18 -38.00
N HIS C 178 8.44 23.97 -39.05
CA HIS C 178 7.96 23.53 -40.33
C HIS C 178 8.98 22.58 -40.96
N ILE C 179 8.48 21.63 -41.77
CA ILE C 179 9.28 20.65 -42.52
C ILE C 179 10.09 21.43 -43.57
N PRO C 180 11.37 21.04 -43.87
CA PRO C 180 12.16 21.81 -44.85
C PRO C 180 11.55 21.89 -46.25
N TYR C 181 11.97 22.91 -47.01
CA TYR C 181 11.58 23.09 -48.40
C TYR C 181 12.28 21.99 -49.18
N ARG C 182 11.49 21.18 -49.87
CA ARG C 182 11.99 20.07 -50.69
C ARG C 182 11.32 20.18 -52.04
N GLU C 183 12.06 19.85 -53.11
CA GLU C 183 11.63 20.05 -54.50
C GLU C 183 12.07 18.88 -55.38
N LYS C 185 9.57 16.18 -55.57
CA LYS C 185 8.59 15.32 -54.91
C LYS C 185 7.61 14.75 -55.94
N ASN C 186 7.00 13.62 -55.59
CA ASN C 186 6.03 12.92 -56.42
C ASN C 186 4.64 13.53 -56.22
N LEU C 187 3.81 13.58 -57.29
CA LEU C 187 2.44 14.13 -57.26
C LEU C 187 1.58 13.34 -56.26
N THR C 188 1.53 13.84 -55.00
CA THR C 188 0.75 13.24 -53.91
C THR C 188 -0.65 13.86 -53.88
N GLY C 189 -1.62 13.13 -54.43
CA GLY C 189 -2.99 13.58 -54.52
C GLY C 189 -3.58 13.39 -55.91
N THR C 190 -4.58 14.19 -56.23
CA THR C 190 -5.29 14.13 -57.51
C THR C 190 -4.79 15.27 -58.39
N ALA C 191 -4.40 14.95 -59.62
CA ALA C 191 -3.86 15.92 -60.57
C ALA C 191 -4.82 17.06 -60.90
N ARG C 192 -6.13 16.78 -61.00
CA ARG C 192 -7.13 17.80 -61.33
C ARG C 192 -7.13 18.99 -60.35
N TYR C 193 -6.95 18.71 -59.05
CA TYR C 193 -6.99 19.75 -58.01
C TYR C 193 -5.64 20.10 -57.43
N ALA C 194 -4.56 19.51 -57.94
CA ALA C 194 -3.20 19.76 -57.44
C ALA C 194 -2.79 21.21 -57.66
N SER C 195 -2.09 21.79 -56.66
CA SER C 195 -1.58 23.17 -56.74
C SER C 195 -0.49 23.20 -57.81
N ILE C 196 -0.18 24.40 -58.33
CA ILE C 196 0.91 24.59 -59.29
C ILE C 196 2.24 24.13 -58.67
N ASN C 197 2.48 24.44 -57.38
CA ASN C 197 3.70 24.05 -56.67
C ASN C 197 3.87 22.54 -56.73
N THR C 198 2.76 21.77 -56.55
CA THR C 198 2.76 20.31 -56.59
C THR C 198 3.17 19.83 -57.98
N HIS C 199 2.63 20.44 -59.03
CA HIS C 199 3.00 20.10 -60.40
C HIS C 199 4.47 20.36 -60.64
N LEU C 200 5.02 21.38 -59.96
CA LEU C 200 6.44 21.70 -60.04
C LEU C 200 7.32 20.74 -59.23
N GLY C 201 6.72 19.86 -58.41
CA GLY C 201 7.46 18.89 -57.60
C GLY C 201 7.89 19.40 -56.24
N ILE C 202 7.32 20.51 -55.79
CA ILE C 202 7.62 21.13 -54.49
C ILE C 202 6.86 20.40 -53.37
N GLU C 203 7.50 20.24 -52.21
CA GLU C 203 6.90 19.66 -51.01
C GLU C 203 5.61 20.45 -50.69
N GLN C 204 4.51 19.75 -50.43
CA GLN C 204 3.24 20.36 -50.13
C GLN C 204 3.25 20.93 -48.73
N SER C 205 2.56 22.06 -48.57
CA SER C 205 2.41 22.70 -47.26
C SER C 205 0.99 23.19 -47.15
N ARG C 206 0.72 24.01 -46.11
CA ARG C 206 -0.62 24.56 -45.83
C ARG C 206 -1.28 25.24 -47.02
N ARG C 207 -0.52 26.08 -47.73
CA ARG C 207 -1.02 26.81 -48.90
C ARG C 207 -1.62 25.91 -50.01
N ASP C 208 -1.04 24.71 -50.19
CA ASP C 208 -1.41 23.74 -51.23
C ASP C 208 -2.77 23.11 -50.96
N ASP C 209 -3.11 22.86 -49.67
CA ASP C 209 -4.47 22.36 -49.34
C ASP C 209 -5.49 23.43 -49.71
N LEU C 210 -5.13 24.69 -49.46
CA LEU C 210 -6.03 25.82 -49.75
C LEU C 210 -6.14 26.12 -51.23
N GLU C 211 -5.05 26.02 -51.98
CA GLU C 211 -5.11 26.25 -53.44
C GLU C 211 -6.00 25.20 -54.08
N SER C 212 -5.84 23.91 -53.70
CA SER C 212 -6.69 22.80 -54.15
C SER C 212 -8.16 23.09 -53.90
N LEU C 213 -8.48 23.61 -52.72
CA LEU C 213 -9.85 23.97 -52.39
C LEU C 213 -10.37 25.03 -53.34
N GLY C 214 -9.51 25.99 -53.71
CA GLY C 214 -9.88 27.03 -54.66
C GLY C 214 -10.25 26.46 -56.01
N TYR C 215 -9.53 25.38 -56.46
CA TYR C 215 -9.88 24.72 -57.74
C TYR C 215 -11.18 23.92 -57.57
N VAL C 216 -11.40 23.33 -56.38
CA VAL C 216 -12.65 22.61 -56.09
C VAL C 216 -13.84 23.59 -56.21
N LEU C 217 -13.69 24.79 -55.59
CA LEU C 217 -14.78 25.79 -55.64
C LEU C 217 -15.07 26.23 -57.09
N MET C 218 -14.02 26.42 -57.89
CA MET C 218 -14.20 26.78 -59.30
C MET C 218 -14.80 25.64 -60.13
N TYR C 219 -14.46 24.41 -59.76
CA TYR C 219 -15.01 23.20 -60.36
C TYR C 219 -16.55 23.15 -60.11
N PHE C 220 -17.01 23.45 -58.84
CA PHE C 220 -18.43 23.52 -58.49
C PHE C 220 -19.14 24.63 -59.27
N ASN C 221 -18.45 25.75 -59.51
CA ASN C 221 -19.00 26.86 -60.28
C ASN C 221 -19.16 26.54 -61.75
N LEU C 222 -18.13 25.92 -62.35
CA LEU C 222 -18.09 25.66 -63.81
C LEU C 222 -18.70 24.36 -64.28
N GLY C 223 -18.71 23.34 -63.43
CA GLY C 223 -19.20 22.02 -63.79
C GLY C 223 -18.04 21.10 -64.17
N SER C 224 -16.88 21.71 -64.51
CA SER C 224 -15.64 21.04 -64.87
C SER C 224 -14.49 22.08 -64.88
N LEU C 225 -13.24 21.61 -64.93
CA LEU C 225 -12.09 22.53 -65.00
C LEU C 225 -11.47 22.53 -66.40
N PRO C 226 -10.81 23.62 -66.86
CA PRO C 226 -10.23 23.63 -68.23
C PRO C 226 -9.18 22.56 -68.54
N TRP C 227 -8.55 21.98 -67.52
CA TRP C 227 -7.51 20.95 -67.64
C TRP C 227 -8.07 19.55 -67.37
N GLN C 228 -9.39 19.46 -67.30
CA GLN C 228 -10.09 18.20 -67.09
C GLN C 228 -10.33 17.54 -68.46
N GLY C 229 -10.23 16.22 -68.52
CA GLY C 229 -10.42 15.43 -69.73
C GLY C 229 -9.47 15.70 -70.88
N LEU C 230 -8.19 15.93 -70.57
CA LEU C 230 -7.21 16.21 -71.61
C LEU C 230 -6.75 14.89 -72.26
N LYS C 231 -6.55 14.93 -73.58
CA LYS C 231 -6.10 13.80 -74.39
C LYS C 231 -4.61 13.49 -74.08
N ALA C 232 -4.34 12.23 -73.72
CA ALA C 232 -3.01 11.70 -73.40
C ALA C 232 -2.99 10.18 -73.51
N ALA C 233 -1.84 9.62 -73.90
CA ALA C 233 -1.62 8.19 -74.04
C ALA C 233 -1.18 7.51 -72.73
N THR C 234 -0.60 8.28 -71.78
CA THR C 234 -0.15 7.78 -70.47
C THR C 234 -0.44 8.75 -69.33
N LYS C 235 -0.53 8.22 -68.09
CA LYS C 235 -0.72 8.99 -66.85
C LYS C 235 0.39 10.04 -66.63
N ARG C 236 1.65 9.73 -67.03
CA ARG C 236 2.79 10.66 -66.92
C ARG C 236 2.59 11.89 -67.83
N GLN C 237 2.18 11.64 -69.10
CA GLN C 237 1.91 12.66 -70.12
C GLN C 237 0.66 13.43 -69.72
N LYS C 238 -0.34 12.74 -69.12
CA LYS C 238 -1.60 13.31 -68.62
C LYS C 238 -1.30 14.41 -67.60
N TYR C 239 -0.48 14.12 -66.57
CA TYR C 239 -0.07 15.06 -65.52
C TYR C 239 0.71 16.26 -66.11
N GLU C 240 1.56 15.99 -67.12
CA GLU C 240 2.33 17.01 -67.81
C GLU C 240 1.39 17.98 -68.55
N ARG C 241 0.36 17.43 -69.23
CA ARG C 241 -0.64 18.20 -69.97
C ARG C 241 -1.45 19.08 -69.01
N ILE C 242 -1.84 18.52 -67.84
CA ILE C 242 -2.61 19.23 -66.80
C ILE C 242 -1.79 20.40 -66.24
N SER C 243 -0.52 20.11 -65.86
CA SER C 243 0.41 21.09 -65.35
C SER C 243 0.56 22.23 -66.33
N GLU C 244 0.79 21.91 -67.64
CA GLU C 244 0.92 22.89 -68.72
C GLU C 244 -0.35 23.75 -68.85
N LYS C 245 -1.55 23.11 -68.88
CA LYS C 245 -2.82 23.83 -69.00
C LYS C 245 -3.07 24.75 -67.81
N LYS C 246 -2.80 24.30 -66.58
CA LYS C 246 -2.96 25.11 -65.35
C LYS C 246 -2.01 26.29 -65.35
N MET C 247 -0.74 26.06 -65.72
CA MET C 247 0.22 27.15 -65.74
C MET C 247 -0.02 28.16 -66.87
N SER C 248 -0.77 27.78 -67.92
CA SER C 248 -1.10 28.63 -69.07
C SER C 248 -2.46 29.33 -68.92
N THR C 249 -3.27 28.94 -67.92
CA THR C 249 -4.60 29.49 -67.70
C THR C 249 -4.56 30.57 -66.61
N PRO C 250 -4.63 31.88 -66.98
CA PRO C 250 -4.64 32.91 -65.93
C PRO C 250 -5.85 32.73 -65.01
N ILE C 251 -5.67 33.06 -63.73
CA ILE C 251 -6.73 33.00 -62.73
C ILE C 251 -7.95 33.80 -63.15
N GLU C 252 -7.74 34.98 -63.77
CA GLU C 252 -8.88 35.78 -64.22
C GLU C 252 -9.66 35.10 -65.39
N VAL C 253 -8.96 34.27 -66.20
CA VAL C 253 -9.61 33.54 -67.30
C VAL C 253 -10.41 32.37 -66.70
N LEU C 254 -9.80 31.64 -65.76
CA LEU C 254 -10.45 30.54 -65.07
C LEU C 254 -11.75 30.99 -64.36
N CYS C 255 -11.68 32.17 -63.72
CA CYS C 255 -12.78 32.71 -62.91
C CYS C 255 -13.69 33.71 -63.64
N LYS C 256 -13.51 33.91 -64.97
CA LYS C 256 -14.32 34.84 -65.77
C LYS C 256 -15.82 34.52 -65.62
N GLY C 257 -16.63 35.56 -65.39
CA GLY C 257 -18.07 35.46 -65.24
C GLY C 257 -18.54 35.11 -63.84
N TYR C 258 -17.59 34.86 -62.91
CA TYR C 258 -17.91 34.52 -61.53
C TYR C 258 -17.46 35.63 -60.59
N PRO C 259 -18.03 35.79 -59.37
CA PRO C 259 -17.57 36.87 -58.49
C PRO C 259 -16.06 36.87 -58.28
N SER C 260 -15.48 38.07 -58.27
CA SER C 260 -14.03 38.28 -58.11
C SER C 260 -13.37 37.55 -56.93
N GLU C 261 -14.15 37.23 -55.88
CA GLU C 261 -13.69 36.55 -54.65
C GLU C 261 -13.00 35.23 -54.92
N PHE C 262 -13.50 34.48 -55.93
CA PHE C 262 -12.90 33.19 -56.31
C PHE C 262 -11.49 33.37 -56.83
N ALA C 263 -11.26 34.47 -57.58
CA ALA C 263 -9.96 34.86 -58.17
C ALA C 263 -9.05 35.38 -57.07
N THR C 264 -9.58 36.27 -56.21
CA THR C 264 -8.83 36.84 -55.07
C THR C 264 -8.35 35.71 -54.18
N TYR C 265 -9.24 34.73 -53.91
CA TYR C 265 -8.94 33.54 -53.11
C TYR C 265 -7.74 32.82 -53.72
N LEU C 266 -7.80 32.47 -55.02
CA LEU C 266 -6.72 31.76 -55.70
C LEU C 266 -5.40 32.56 -55.79
N ASN C 267 -5.50 33.89 -56.03
CA ASN C 267 -4.29 34.74 -56.05
C ASN C 267 -3.62 34.78 -54.67
N PHE C 268 -4.42 34.79 -53.59
CA PHE C 268 -3.91 34.81 -52.22
C PHE C 268 -3.15 33.50 -51.92
N CYS C 269 -3.76 32.36 -52.25
CA CYS C 269 -3.10 31.06 -52.06
C CYS C 269 -1.79 30.94 -52.84
N ARG C 270 -1.79 31.40 -54.10
CA ARG C 270 -0.58 31.36 -54.92
C ARG C 270 0.50 32.31 -54.41
N SER C 271 0.13 33.33 -53.59
CA SER C 271 1.08 34.32 -53.04
C SER C 271 1.77 33.88 -51.78
N LEU C 272 1.22 32.86 -51.13
CA LEU C 272 1.70 32.33 -49.87
C LEU C 272 3.06 31.70 -50.01
N ARG C 273 3.92 31.94 -49.01
CA ARG C 273 5.25 31.34 -48.97
C ARG C 273 5.10 29.92 -48.44
N PHE C 274 6.10 29.08 -48.70
CA PHE C 274 6.10 27.68 -48.29
C PHE C 274 5.71 27.46 -46.82
N ASP C 275 6.34 28.19 -45.88
CA ASP C 275 6.05 28.00 -44.45
C ASP C 275 5.05 29.00 -43.86
N ASP C 276 4.44 29.89 -44.69
CA ASP C 276 3.45 30.87 -44.22
C ASP C 276 2.23 30.21 -43.61
N LYS C 277 1.78 30.80 -42.50
CA LYS C 277 0.52 30.41 -41.86
C LYS C 277 -0.54 31.18 -42.64
N PRO C 278 -1.48 30.50 -43.33
CA PRO C 278 -2.50 31.23 -44.10
C PRO C 278 -3.44 32.04 -43.21
N ASP C 279 -3.96 33.13 -43.75
CA ASP C 279 -4.93 33.94 -43.01
C ASP C 279 -6.31 33.36 -43.34
N TYR C 280 -6.69 32.28 -42.66
CA TYR C 280 -7.96 31.57 -42.88
C TYR C 280 -9.18 32.47 -42.69
N SER C 281 -9.14 33.35 -41.65
CA SER C 281 -10.18 34.33 -41.30
C SER C 281 -10.48 35.25 -42.48
N TYR C 282 -9.43 35.80 -43.09
CA TYR C 282 -9.53 36.65 -44.26
C TYR C 282 -10.23 35.94 -45.40
N LEU C 283 -9.86 34.68 -45.65
CA LEU C 283 -10.44 33.87 -46.73
C LEU C 283 -11.91 33.58 -46.49
N ARG C 284 -12.28 33.21 -45.24
CA ARG C 284 -13.70 32.98 -44.92
C ARG C 284 -14.49 34.32 -45.03
N GLN C 285 -13.87 35.45 -44.61
CA GLN C 285 -14.48 36.78 -44.67
C GLN C 285 -14.70 37.25 -46.11
N LEU C 286 -13.81 36.87 -47.06
CA LEU C 286 -13.99 37.20 -48.49
C LEU C 286 -15.33 36.63 -48.94
N PHE C 287 -15.54 35.35 -48.68
CA PHE C 287 -16.77 34.66 -49.10
C PHE C 287 -17.99 35.08 -48.33
N ARG C 288 -17.83 35.41 -47.04
CA ARG C 288 -18.92 35.87 -46.15
C ARG C 288 -19.44 37.23 -46.58
N ASN C 289 -18.54 38.16 -47.00
CA ASN C 289 -18.92 39.48 -47.47
C ASN C 289 -19.67 39.36 -48.78
N LEU C 290 -19.24 38.43 -49.66
CA LEU C 290 -19.93 38.20 -50.93
C LEU C 290 -21.34 37.60 -50.64
N PHE C 291 -21.40 36.64 -49.72
CA PHE C 291 -22.64 35.97 -49.27
C PHE C 291 -23.65 37.04 -48.77
N HIS C 292 -23.18 38.00 -47.95
CA HIS C 292 -23.97 39.10 -47.41
C HIS C 292 -24.44 40.07 -48.55
N ARG C 293 -23.52 40.49 -49.46
CA ARG C 293 -23.83 41.35 -50.62
C ARG C 293 -24.88 40.72 -51.54
N GLN C 294 -24.89 39.38 -51.63
CA GLN C 294 -25.85 38.65 -52.43
C GLN C 294 -27.22 38.53 -51.75
N GLY C 295 -27.29 38.88 -50.47
CA GLY C 295 -28.50 38.81 -49.67
C GLY C 295 -28.88 37.42 -49.22
N PHE C 296 -27.90 36.49 -49.20
CA PHE C 296 -28.18 35.11 -48.78
C PHE C 296 -28.30 34.95 -47.27
N SER C 297 -29.10 33.96 -46.84
CA SER C 297 -29.31 33.59 -45.44
C SER C 297 -28.45 32.37 -45.11
N TYR C 298 -27.78 32.41 -43.96
CA TYR C 298 -26.93 31.31 -43.54
C TYR C 298 -27.86 30.35 -42.82
N ASP C 299 -28.50 29.45 -43.59
CA ASP C 299 -29.55 28.57 -43.07
C ASP C 299 -29.33 27.13 -43.37
N TYR C 300 -28.19 26.81 -43.98
CA TYR C 300 -27.80 25.45 -44.36
C TYR C 300 -28.78 24.78 -45.34
N VAL C 301 -29.44 25.57 -46.20
CA VAL C 301 -30.35 25.01 -47.20
C VAL C 301 -29.52 24.97 -48.47
N PHE C 302 -28.97 23.80 -48.78
CA PHE C 302 -28.14 23.55 -49.93
C PHE C 302 -29.05 23.20 -51.11
N ASP C 303 -28.52 23.20 -52.33
CA ASP C 303 -29.32 22.89 -53.53
C ASP C 303 -30.06 21.56 -53.40
N TRP C 304 -29.37 20.53 -52.90
CA TRP C 304 -29.93 19.20 -52.78
C TRP C 304 -31.09 19.11 -51.80
N ASN C 305 -31.18 20.03 -50.81
CA ASN C 305 -32.29 20.11 -49.85
C ASN C 305 -33.60 20.57 -50.52
N MET C 306 -33.52 21.11 -51.74
CA MET C 306 -34.70 21.60 -52.46
C MET C 306 -35.29 20.55 -53.44
N LEU C 307 -34.69 19.36 -53.46
CA LEU C 307 -35.05 18.22 -54.31
C LEU C 307 -36.05 17.28 -53.63
N LEU D 17 74.83 13.97 -5.44
CA LEU D 17 75.01 12.52 -5.44
C LEU D 17 74.73 11.91 -6.81
N ARG D 18 75.50 10.89 -7.19
CA ARG D 18 75.30 10.20 -8.48
C ARG D 18 74.24 9.10 -8.27
N VAL D 19 73.32 8.95 -9.23
CA VAL D 19 72.23 7.96 -9.18
C VAL D 19 72.15 7.28 -10.56
N GLY D 20 72.15 5.95 -10.58
CA GLY D 20 72.14 5.14 -11.80
C GLY D 20 73.20 5.48 -12.83
N ASN D 21 74.39 5.99 -12.38
CA ASN D 21 75.56 6.46 -13.15
C ASN D 21 75.26 7.56 -14.23
N ARG D 22 73.98 7.90 -14.44
CA ARG D 22 73.51 8.85 -15.46
C ARG D 22 72.78 10.06 -14.83
N TYR D 23 72.30 9.90 -13.60
CA TYR D 23 71.50 10.95 -12.94
C TYR D 23 72.25 11.61 -11.83
N ARG D 24 72.04 12.90 -11.69
CA ARG D 24 72.63 13.70 -10.63
C ARG D 24 71.50 14.11 -9.68
N LEU D 25 71.64 13.75 -8.41
CA LEU D 25 70.63 14.01 -7.38
C LEU D 25 70.88 15.36 -6.72
N GLY D 26 69.85 16.17 -6.69
CA GLY D 26 69.88 17.49 -6.06
C GLY D 26 69.07 17.52 -4.78
N ARG D 27 68.72 18.73 -4.33
CA ARG D 27 67.98 18.96 -3.10
C ARG D 27 66.52 18.59 -3.22
N LYS D 28 65.88 18.33 -2.06
CA LYS D 28 64.47 17.97 -1.96
C LYS D 28 63.62 19.13 -2.51
N ILE D 29 62.61 18.80 -3.32
CA ILE D 29 61.73 19.78 -3.96
C ILE D 29 60.28 19.55 -3.58
N GLY D 30 60.03 18.46 -2.86
CA GLY D 30 58.71 18.09 -2.36
C GLY D 30 58.71 16.75 -1.69
N SER D 31 57.52 16.27 -1.32
CA SER D 31 57.31 14.97 -0.67
C SER D 31 56.20 14.26 -1.41
N GLY D 32 56.25 12.93 -1.42
CA GLY D 32 55.27 12.09 -2.08
C GLY D 32 54.74 11.00 -1.20
N SER D 33 54.03 10.01 -1.80
CA SER D 33 53.48 8.86 -1.07
C SER D 33 54.56 7.75 -1.02
N PHE D 34 54.90 7.29 0.21
CA PHE D 34 55.93 6.29 0.49
C PHE D 34 57.28 6.77 -0.07
N GLY D 35 57.70 7.98 0.33
CA GLY D 35 58.97 8.55 -0.09
C GLY D 35 58.93 9.91 -0.74
N ASP D 36 59.94 10.75 -0.41
CA ASP D 36 60.18 12.13 -0.84
C ASP D 36 60.62 12.32 -2.32
N ILE D 37 60.53 13.57 -2.83
CA ILE D 37 60.85 13.98 -4.20
C ILE D 37 62.03 14.94 -4.21
N TYR D 38 63.00 14.67 -5.10
CA TYR D 38 64.21 15.46 -5.23
C TYR D 38 64.39 15.97 -6.65
N LEU D 39 65.09 17.11 -6.82
CA LEU D 39 65.41 17.63 -8.14
C LEU D 39 66.55 16.79 -8.65
N GLY D 40 66.54 16.50 -9.94
CA GLY D 40 67.63 15.77 -10.55
C GLY D 40 67.94 16.26 -11.95
N THR D 41 69.04 15.77 -12.51
CA THR D 41 69.38 16.03 -13.90
C THR D 41 69.78 14.73 -14.54
N ASP D 42 69.22 14.48 -15.73
CA ASP D 42 69.67 13.38 -16.55
C ASP D 42 70.88 14.03 -17.24
N ILE D 43 72.08 13.74 -16.72
CA ILE D 43 73.36 14.29 -17.18
C ILE D 43 73.66 13.90 -18.64
N ALA D 44 73.30 12.67 -19.07
CA ALA D 44 73.58 12.23 -20.45
C ALA D 44 72.69 12.92 -21.47
N ALA D 45 71.44 13.18 -21.13
CA ALA D 45 70.44 13.82 -22.00
C ALA D 45 70.33 15.33 -21.86
N GLY D 46 70.81 15.89 -20.75
CA GLY D 46 70.70 17.32 -20.49
C GLY D 46 69.26 17.72 -20.22
N GLU D 47 68.59 16.98 -19.35
CA GLU D 47 67.18 17.19 -19.03
C GLU D 47 66.94 17.10 -17.54
N GLU D 48 66.10 17.99 -16.98
CA GLU D 48 65.79 17.95 -15.54
C GLU D 48 64.80 16.88 -15.29
N VAL D 49 64.90 16.25 -14.14
CA VAL D 49 64.01 15.15 -13.74
C VAL D 49 63.57 15.34 -12.29
N ALA D 50 62.61 14.55 -11.85
CA ALA D 50 62.14 14.47 -10.46
C ALA D 50 62.48 13.04 -10.06
N ILE D 51 63.17 12.90 -8.91
CA ILE D 51 63.62 11.60 -8.39
C ILE D 51 62.87 11.23 -7.11
N LYS D 52 62.14 10.10 -7.12
CA LYS D 52 61.44 9.58 -5.95
C LYS D 52 62.36 8.55 -5.25
N LEU D 53 62.65 8.77 -3.96
CA LEU D 53 63.51 7.90 -3.15
C LEU D 53 62.71 7.12 -2.05
N GLU D 54 62.84 5.75 -2.01
CA GLU D 54 62.21 4.87 -1.01
C GLU D 54 63.25 3.98 -0.32
N CYS D 55 63.30 4.01 1.02
CA CYS D 55 64.23 3.19 1.81
C CYS D 55 64.19 1.69 1.45
N VAL D 56 65.36 1.14 1.06
CA VAL D 56 65.63 -0.22 0.58
C VAL D 56 64.88 -1.33 1.39
N PRO D 61 57.17 -1.81 0.94
CA PRO D 61 57.94 -2.21 -0.24
C PRO D 61 57.07 -2.05 -1.50
N GLN D 62 56.95 -0.76 -1.93
CA GLN D 62 56.04 -0.26 -2.97
C GLN D 62 56.69 0.20 -4.28
N LEU D 63 57.84 0.95 -4.21
CA LEU D 63 58.50 1.61 -5.34
C LEU D 63 58.56 0.75 -6.61
N HIS D 64 59.03 -0.50 -6.54
CA HIS D 64 59.12 -1.37 -7.72
C HIS D 64 57.73 -1.84 -8.18
N ILE D 65 56.75 -1.97 -7.24
CA ILE D 65 55.39 -2.32 -7.62
C ILE D 65 54.77 -1.15 -8.39
N GLU D 66 54.88 0.08 -7.84
CA GLU D 66 54.42 1.34 -8.44
C GLU D 66 55.06 1.56 -9.82
N SER D 67 56.38 1.28 -9.96
CA SER D 67 57.12 1.40 -11.21
C SER D 67 56.55 0.49 -12.30
N LYS D 68 56.13 -0.73 -11.93
CA LYS D 68 55.50 -1.70 -12.84
C LYS D 68 54.17 -1.14 -13.33
N ILE D 69 53.38 -0.49 -12.43
CA ILE D 69 52.09 0.14 -12.79
C ILE D 69 52.33 1.27 -13.80
N TYR D 70 53.22 2.23 -13.47
CA TYR D 70 53.63 3.31 -14.36
C TYR D 70 54.07 2.75 -15.73
N LYS D 71 54.89 1.65 -15.74
CA LYS D 71 55.40 1.01 -16.96
C LYS D 71 54.26 0.46 -17.84
N MET D 72 53.25 -0.18 -17.22
CA MET D 72 52.09 -0.71 -17.91
C MET D 72 51.20 0.45 -18.44
N MET D 73 51.22 1.62 -17.77
CA MET D 73 50.47 2.82 -18.15
C MET D 73 51.19 3.65 -19.25
N GLN D 74 52.49 3.39 -19.54
CA GLN D 74 53.28 4.16 -20.52
C GLN D 74 52.62 4.25 -21.89
N GLY D 75 52.72 5.43 -22.52
CA GLY D 75 52.09 5.66 -23.81
C GLY D 75 50.73 6.34 -23.71
N GLY D 76 50.11 6.28 -22.53
CA GLY D 76 48.85 6.94 -22.26
C GLY D 76 49.04 8.44 -22.17
N VAL D 77 48.09 9.20 -22.69
CA VAL D 77 48.13 10.66 -22.66
C VAL D 77 48.11 11.08 -21.17
N GLY D 78 49.03 11.95 -20.78
CA GLY D 78 49.06 12.42 -19.40
C GLY D 78 49.58 11.41 -18.40
N ILE D 79 50.28 10.37 -18.89
CA ILE D 79 50.94 9.40 -18.02
C ILE D 79 52.44 9.80 -18.05
N PRO D 80 53.02 10.18 -16.89
CA PRO D 80 54.44 10.59 -16.88
C PRO D 80 55.37 9.47 -17.31
N THR D 81 56.42 9.81 -18.04
CA THR D 81 57.40 8.84 -18.50
C THR D 81 58.36 8.56 -17.35
N ILE D 82 58.60 7.29 -17.08
CA ILE D 82 59.55 6.84 -16.07
C ILE D 82 60.85 6.55 -16.81
N ARG D 83 61.88 7.35 -16.52
CA ARG D 83 63.15 7.27 -17.20
C ARG D 83 64.00 6.09 -16.74
N TRP D 84 63.99 5.83 -15.43
CA TRP D 84 64.82 4.83 -14.78
C TRP D 84 64.23 4.38 -13.45
N CYS D 85 64.56 3.13 -13.08
CA CYS D 85 64.20 2.48 -11.83
C CYS D 85 65.40 1.64 -11.42
N GLY D 86 65.65 1.59 -10.12
CA GLY D 86 66.76 0.82 -9.58
C GLY D 86 66.96 0.98 -8.09
N ALA D 87 68.15 0.63 -7.62
CA ALA D 87 68.52 0.74 -6.22
C ALA D 87 69.89 1.39 -6.13
N GLU D 88 70.01 2.35 -5.22
CA GLU D 88 71.24 3.11 -5.00
C GLU D 88 71.38 3.29 -3.48
N GLY D 89 72.45 2.75 -2.91
CA GLY D 89 72.73 2.81 -1.48
C GLY D 89 71.60 2.28 -0.62
N ASP D 90 71.04 3.16 0.25
CA ASP D 90 69.94 2.84 1.15
C ASP D 90 68.57 3.07 0.53
N TYR D 91 68.50 3.33 -0.78
CA TYR D 91 67.23 3.63 -1.45
C TYR D 91 66.94 2.89 -2.73
N ASN D 92 65.65 2.72 -2.99
CA ASN D 92 65.02 2.29 -4.23
C ASN D 92 64.75 3.63 -4.93
N VAL D 93 65.09 3.72 -6.20
CA VAL D 93 65.01 4.98 -6.92
C VAL D 93 64.12 4.88 -8.14
N MET D 94 63.29 5.88 -8.34
CA MET D 94 62.49 6.02 -9.53
C MET D 94 62.69 7.43 -10.06
N VAL D 95 62.97 7.52 -11.36
CA VAL D 95 63.21 8.79 -12.06
C VAL D 95 62.08 9.06 -13.03
N MET D 96 61.47 10.25 -12.91
CA MET D 96 60.38 10.69 -13.75
C MET D 96 60.76 12.02 -14.44
N GLU D 97 60.19 12.28 -15.61
CA GLU D 97 60.37 13.57 -16.28
C GLU D 97 59.86 14.67 -15.33
N LEU D 98 60.47 15.85 -15.36
CA LEU D 98 60.05 16.94 -14.49
C LEU D 98 58.71 17.48 -14.97
N LEU D 99 57.78 17.63 -14.02
CA LEU D 99 56.44 18.14 -14.28
C LEU D 99 56.27 19.44 -13.54
N GLY D 100 55.17 20.14 -13.83
CA GLY D 100 54.84 21.41 -13.22
C GLY D 100 54.08 21.24 -11.92
N PRO D 101 53.50 22.35 -11.41
CA PRO D 101 52.79 22.25 -10.11
C PRO D 101 51.50 21.45 -10.18
N SER D 102 51.05 20.97 -9.03
CA SER D 102 49.83 20.20 -8.92
C SER D 102 48.60 21.10 -9.06
N LEU D 103 47.42 20.50 -9.22
CA LEU D 103 46.18 21.30 -9.29
C LEU D 103 45.88 21.95 -7.93
N GLU D 104 46.33 21.34 -6.82
CA GLU D 104 46.23 21.92 -5.48
C GLU D 104 47.11 23.19 -5.37
N ASP D 105 48.37 23.12 -5.84
CA ASP D 105 49.32 24.24 -5.83
C ASP D 105 48.79 25.39 -6.70
N LEU D 106 48.25 25.05 -7.88
CA LEU D 106 47.69 26.03 -8.79
C LEU D 106 46.41 26.63 -8.24
N PHE D 107 45.58 25.84 -7.54
CA PHE D 107 44.34 26.32 -6.92
C PHE D 107 44.67 27.34 -5.82
N ASN D 108 45.64 27.02 -4.93
CA ASN D 108 46.12 27.94 -3.89
C ASN D 108 46.77 29.19 -4.51
N PHE D 109 47.54 29.01 -5.59
CA PHE D 109 48.16 30.14 -6.29
C PHE D 109 47.10 31.08 -6.93
N CYS D 110 45.91 30.53 -7.26
CA CYS D 110 44.79 31.27 -7.85
C CYS D 110 43.78 31.73 -6.80
N SER D 111 44.21 31.82 -5.54
CA SER D 111 43.39 32.26 -4.39
C SER D 111 42.17 31.37 -4.15
N ARG D 112 42.32 30.06 -4.43
CA ARG D 112 41.29 29.03 -4.23
C ARG D 112 39.97 29.35 -4.96
N LYS D 113 40.11 29.90 -6.17
CA LYS D 113 39.00 30.22 -7.05
C LYS D 113 39.40 29.91 -8.49
N PHE D 114 38.68 29.00 -9.15
CA PHE D 114 38.85 28.67 -10.57
C PHE D 114 37.56 29.10 -11.32
N SER D 115 37.71 29.70 -12.52
CA SER D 115 36.55 30.08 -13.35
C SER D 115 35.87 28.77 -13.82
N LEU D 116 34.65 28.86 -14.26
CA LEU D 116 33.92 27.70 -14.76
C LEU D 116 34.66 27.07 -15.96
N LYS D 117 35.25 27.91 -16.84
CA LYS D 117 35.98 27.45 -18.01
C LYS D 117 37.17 26.57 -17.59
N THR D 118 37.95 27.01 -16.56
CA THR D 118 39.11 26.22 -16.05
C THR D 118 38.60 24.86 -15.50
N VAL D 119 37.52 24.87 -14.70
CA VAL D 119 36.94 23.64 -14.13
C VAL D 119 36.55 22.66 -15.26
N LEU D 120 35.92 23.19 -16.31
CA LEU D 120 35.47 22.38 -17.43
C LEU D 120 36.61 21.82 -18.23
N LEU D 121 37.67 22.65 -18.50
CA LEU D 121 38.88 22.22 -19.20
C LEU D 121 39.56 21.09 -18.41
N LEU D 122 39.62 21.26 -17.07
CA LEU D 122 40.24 20.26 -16.20
C LEU D 122 39.40 18.98 -16.13
N ALA D 123 38.06 19.11 -16.03
CA ALA D 123 37.15 17.95 -15.95
C ALA D 123 37.31 17.03 -17.17
N ASP D 124 37.38 17.61 -18.37
CA ASP D 124 37.51 16.87 -19.63
C ASP D 124 38.71 15.93 -19.63
N GLN D 125 39.88 16.46 -19.27
CA GLN D 125 41.13 15.72 -19.22
C GLN D 125 41.18 14.74 -18.08
N MET D 126 40.73 15.15 -16.87
CA MET D 126 40.76 14.30 -15.68
C MET D 126 39.86 13.03 -15.85
N ILE D 127 38.70 13.15 -16.52
CA ILE D 127 37.81 11.99 -16.80
C ILE D 127 38.58 11.01 -17.71
N SER D 128 39.32 11.56 -18.69
CA SER D 128 40.11 10.77 -19.66
C SER D 128 41.25 10.04 -18.99
N ARG D 129 41.92 10.68 -18.00
CA ARG D 129 43.04 10.07 -17.28
C ARG D 129 42.54 8.88 -16.51
N ILE D 130 41.38 9.05 -15.83
CA ILE D 130 40.76 7.99 -15.05
C ILE D 130 40.30 6.85 -15.96
N GLU D 131 39.67 7.18 -17.11
CA GLU D 131 39.26 6.16 -18.06
C GLU D 131 40.45 5.33 -18.54
N TYR D 132 41.58 5.98 -18.79
CA TYR D 132 42.78 5.32 -19.26
C TYR D 132 43.30 4.33 -18.23
N ILE D 133 43.39 4.74 -16.97
CA ILE D 133 43.85 3.86 -15.88
C ILE D 133 42.90 2.64 -15.79
N HIS D 134 41.58 2.87 -15.92
CA HIS D 134 40.58 1.79 -15.87
C HIS D 134 40.76 0.83 -17.08
N SER D 135 41.12 1.36 -18.26
CA SER D 135 41.33 0.54 -19.46
C SER D 135 42.54 -0.38 -19.28
N LYS D 136 43.44 -0.02 -18.36
CA LYS D 136 44.64 -0.76 -18.02
C LYS D 136 44.44 -1.65 -16.78
N ASN D 137 43.16 -1.91 -16.43
CA ASN D 137 42.67 -2.82 -15.38
C ASN D 137 43.02 -2.40 -13.94
N PHE D 138 43.23 -1.13 -13.71
CA PHE D 138 43.56 -0.57 -12.40
C PHE D 138 42.55 0.52 -12.02
N ILE D 139 42.39 0.73 -10.71
CA ILE D 139 41.61 1.82 -10.12
C ILE D 139 42.66 2.61 -9.33
N HIS D 140 42.62 3.94 -9.39
CA HIS D 140 43.62 4.82 -8.76
C HIS D 140 43.50 4.82 -7.24
N ARG D 141 42.27 5.02 -6.74
CA ARG D 141 41.85 5.03 -5.34
C ARG D 141 42.30 6.24 -4.53
N ASP D 142 42.99 7.22 -5.16
CA ASP D 142 43.37 8.44 -4.45
C ASP D 142 43.26 9.65 -5.35
N VAL D 143 42.05 9.82 -5.94
CA VAL D 143 41.74 10.93 -6.83
C VAL D 143 41.59 12.20 -6.00
N LYS D 144 42.55 13.12 -6.13
CA LYS D 144 42.60 14.39 -5.39
C LYS D 144 43.43 15.41 -6.18
N PRO D 145 43.28 16.75 -5.96
CA PRO D 145 44.05 17.74 -6.74
C PRO D 145 45.56 17.57 -6.72
N ASP D 146 46.12 17.12 -5.60
CA ASP D 146 47.56 16.89 -5.38
C ASP D 146 48.13 15.84 -6.33
N ASN D 147 47.30 14.91 -6.83
CA ASN D 147 47.73 13.83 -7.71
C ASN D 147 47.56 14.11 -9.19
N PHE D 148 47.25 15.38 -9.55
CA PHE D 148 47.18 15.81 -10.92
C PHE D 148 48.18 16.97 -11.07
N LEU D 149 49.15 16.83 -11.96
CA LEU D 149 50.18 17.89 -12.17
C LEU D 149 50.10 18.40 -13.58
N MET D 150 50.33 19.71 -13.78
CA MET D 150 50.38 20.23 -15.14
C MET D 150 51.75 19.93 -15.72
N GLY D 151 51.86 19.74 -17.04
CA GLY D 151 53.17 19.51 -17.64
C GLY D 151 53.90 20.84 -17.77
N LEU D 152 55.14 20.80 -18.27
CA LEU D 152 55.91 22.04 -18.49
C LEU D 152 56.19 22.23 -19.98
N GLY D 153 56.51 23.45 -20.39
CA GLY D 153 56.87 23.82 -21.75
C GLY D 153 55.78 23.48 -22.76
N LYS D 154 56.13 22.64 -23.75
CA LYS D 154 55.20 22.22 -24.81
C LYS D 154 54.05 21.35 -24.25
N LYS D 155 54.24 20.78 -23.05
CA LYS D 155 53.25 19.94 -22.38
C LYS D 155 52.46 20.70 -21.32
N GLY D 156 52.62 22.03 -21.29
CA GLY D 156 51.97 22.94 -20.34
C GLY D 156 50.45 22.92 -20.30
N ASN D 157 49.81 22.47 -21.36
CA ASN D 157 48.32 22.39 -21.47
C ASN D 157 47.77 21.05 -20.97
N LEU D 158 48.68 20.10 -20.69
CA LEU D 158 48.37 18.72 -20.32
C LEU D 158 48.34 18.49 -18.83
N VAL D 159 47.25 17.86 -18.36
CA VAL D 159 47.04 17.42 -17.01
C VAL D 159 47.65 16.00 -16.95
N TYR D 160 48.60 15.76 -16.03
CA TYR D 160 49.18 14.45 -15.80
C TYR D 160 48.59 13.88 -14.54
N ILE D 161 48.45 12.55 -14.48
CA ILE D 161 48.00 11.88 -13.26
C ILE D 161 49.23 11.15 -12.69
N ILE D 162 49.42 11.25 -11.37
CA ILE D 162 50.55 10.64 -10.68
C ILE D 162 50.05 9.83 -9.49
N ASP D 163 51.01 9.15 -8.83
CA ASP D 163 50.87 8.41 -7.60
C ASP D 163 49.98 7.20 -7.71
N PHE D 164 50.63 6.05 -7.97
CA PHE D 164 49.99 4.74 -8.08
C PHE D 164 50.24 3.89 -6.85
N GLY D 165 50.62 4.55 -5.75
CA GLY D 165 50.90 3.91 -4.45
C GLY D 165 49.70 3.24 -3.81
N LEU D 166 48.48 3.67 -4.13
CA LEU D 166 47.27 3.06 -3.56
C LEU D 166 46.49 2.31 -4.64
N ALA D 167 47.00 2.33 -5.88
CA ALA D 167 46.34 1.72 -7.03
C ALA D 167 46.20 0.24 -6.87
N LYS D 168 45.09 -0.31 -7.37
CA LYS D 168 44.81 -1.73 -7.23
C LYS D 168 44.21 -2.26 -8.53
N LYS D 169 44.54 -3.51 -8.90
CA LYS D 169 43.94 -4.14 -10.06
C LYS D 169 42.45 -4.44 -9.71
N TYR D 170 41.48 -4.07 -10.57
CA TYR D 170 40.07 -4.35 -10.28
C TYR D 170 39.55 -5.49 -11.14
N ARG D 171 40.35 -5.92 -12.13
CA ARG D 171 40.03 -7.02 -13.02
C ARG D 171 41.30 -7.68 -13.56
N ASP D 172 41.19 -8.98 -13.89
CA ASP D 172 42.30 -9.77 -14.43
C ASP D 172 42.70 -9.24 -15.82
N ALA D 173 44.02 -9.05 -16.05
CA ALA D 173 44.55 -8.53 -17.31
C ALA D 173 44.23 -9.47 -18.48
N ARG D 174 44.28 -10.78 -18.21
CA ARG D 174 44.04 -11.85 -19.18
C ARG D 174 42.66 -12.53 -19.04
N THR D 175 41.79 -12.12 -18.06
CA THR D 175 40.46 -12.75 -17.92
C THR D 175 39.31 -11.72 -17.68
N HIS D 176 39.61 -10.40 -17.60
CA HIS D 176 38.69 -9.25 -17.38
C HIS D 176 37.58 -9.52 -16.32
N GLN D 177 37.79 -10.52 -15.45
CA GLN D 177 36.86 -10.88 -14.39
C GLN D 177 37.06 -9.86 -13.28
N HIS D 178 35.97 -9.11 -13.01
CA HIS D 178 35.94 -8.07 -11.99
C HIS D 178 36.19 -8.67 -10.61
N ILE D 179 36.84 -7.89 -9.74
CA ILE D 179 37.17 -8.22 -8.36
C ILE D 179 35.87 -8.44 -7.56
N PRO D 180 35.82 -9.37 -6.59
CA PRO D 180 34.54 -9.59 -5.88
C PRO D 180 34.05 -8.39 -5.06
N TYR D 181 32.74 -8.33 -4.79
CA TYR D 181 32.15 -7.27 -3.97
C TYR D 181 32.53 -7.53 -2.50
N ARG D 182 33.32 -6.61 -1.92
CA ARG D 182 33.83 -6.75 -0.56
C ARG D 182 33.44 -5.58 0.28
N GLU D 183 33.36 -5.79 1.57
CA GLU D 183 33.05 -4.70 2.47
C GLU D 183 34.13 -4.58 3.55
N ASN D 184 33.82 -3.90 4.67
CA ASN D 184 34.69 -3.58 5.82
C ASN D 184 36.16 -3.34 5.43
N LYS D 185 36.30 -2.60 4.32
CA LYS D 185 37.57 -2.19 3.78
C LYS D 185 38.00 -0.91 4.46
N ASN D 186 39.32 -0.68 4.51
CA ASN D 186 39.96 0.48 5.14
C ASN D 186 39.91 1.65 4.17
N LEU D 187 39.69 2.88 4.69
CA LEU D 187 39.60 4.14 3.92
C LEU D 187 40.97 4.36 3.26
N THR D 188 41.16 3.79 2.05
CA THR D 188 42.41 3.95 1.30
C THR D 188 42.26 5.10 0.34
N GLY D 189 42.84 6.22 0.75
CA GLY D 189 42.80 7.49 0.05
C GLY D 189 42.62 8.65 1.01
N THR D 190 42.07 9.74 0.50
CA THR D 190 41.84 10.96 1.27
C THR D 190 40.36 11.05 1.62
N ALA D 191 40.05 11.26 2.90
CA ALA D 191 38.67 11.34 3.40
C ALA D 191 37.83 12.44 2.74
N ARG D 192 38.44 13.59 2.44
CA ARG D 192 37.73 14.72 1.84
C ARG D 192 37.07 14.38 0.49
N TYR D 193 37.75 13.57 -0.33
CA TYR D 193 37.28 13.21 -1.67
C TYR D 193 36.77 11.78 -1.77
N ALA D 194 36.74 11.03 -0.68
CA ALA D 194 36.27 9.65 -0.67
C ALA D 194 34.79 9.55 -1.03
N SER D 195 34.45 8.52 -1.83
CA SER D 195 33.07 8.26 -2.23
C SER D 195 32.28 7.83 -0.99
N ILE D 196 30.95 7.95 -1.04
CA ILE D 196 30.07 7.46 0.04
C ILE D 196 30.27 5.95 0.27
N ASN D 197 30.43 5.16 -0.81
CA ASN D 197 30.67 3.71 -0.73
C ASN D 197 31.93 3.43 0.10
N THR D 198 32.97 4.25 -0.07
CA THR D 198 34.25 4.10 0.65
C THR D 198 34.02 4.35 2.13
N HIS D 199 33.25 5.40 2.48
CA HIS D 199 32.92 5.69 3.86
C HIS D 199 32.14 4.55 4.47
N LEU D 200 31.36 3.83 3.65
CA LEU D 200 30.61 2.66 4.10
C LEU D 200 31.48 1.40 4.25
N GLY D 201 32.74 1.46 3.79
CA GLY D 201 33.68 0.34 3.88
C GLY D 201 33.61 -0.64 2.73
N ILE D 202 32.98 -0.25 1.63
CA ILE D 202 32.85 -1.08 0.42
C ILE D 202 34.14 -1.01 -0.41
N GLU D 203 34.51 -2.15 -1.03
CA GLU D 203 35.66 -2.26 -1.93
C GLU D 203 35.50 -1.17 -3.02
N GLN D 204 36.57 -0.42 -3.31
CA GLN D 204 36.55 0.62 -4.32
C GLN D 204 36.57 0.02 -5.71
N SER D 205 35.77 0.59 -6.61
CA SER D 205 35.73 0.16 -8.01
C SER D 205 35.81 1.41 -8.86
N ARG D 206 35.57 1.27 -10.18
CA ARG D 206 35.66 2.34 -11.17
C ARG D 206 34.82 3.55 -10.80
N ARG D 207 33.59 3.32 -10.35
CA ARG D 207 32.66 4.39 -9.95
C ARG D 207 33.22 5.34 -8.87
N ASP D 208 34.01 4.80 -7.94
CA ASP D 208 34.59 5.52 -6.80
C ASP D 208 35.68 6.51 -7.25
N ASP D 209 36.49 6.16 -8.26
CA ASP D 209 37.46 7.13 -8.81
C ASP D 209 36.70 8.31 -9.43
N LEU D 210 35.59 8.00 -10.08
CA LEU D 210 34.79 9.04 -10.74
C LEU D 210 33.99 9.89 -9.75
N GLU D 211 33.46 9.28 -8.69
CA GLU D 211 32.72 10.06 -7.69
C GLU D 211 33.69 11.04 -7.00
N SER D 212 34.90 10.58 -6.63
CA SER D 212 35.95 11.42 -6.07
C SER D 212 36.27 12.62 -6.95
N LEU D 213 36.38 12.40 -8.27
CA LEU D 213 36.60 13.46 -9.21
C LEU D 213 35.44 14.47 -9.17
N GLY D 214 34.22 13.99 -8.98
CA GLY D 214 33.05 14.87 -8.87
C GLY D 214 33.15 15.79 -7.67
N TYR D 215 33.76 15.29 -6.53
CA TYR D 215 33.97 16.12 -5.32
C TYR D 215 35.12 17.08 -5.58
N VAL D 216 36.16 16.64 -6.31
CA VAL D 216 37.27 17.53 -6.65
C VAL D 216 36.74 18.70 -7.51
N LEU D 217 35.86 18.41 -8.51
CA LEU D 217 35.30 19.48 -9.36
C LEU D 217 34.48 20.48 -8.53
N MET D 218 33.69 19.97 -7.58
CA MET D 218 32.90 20.83 -6.70
C MET D 218 33.77 21.63 -5.73
N TYR D 219 34.89 21.03 -5.30
CA TYR D 219 35.87 21.69 -4.46
C TYR D 219 36.49 22.91 -5.22
N PHE D 220 36.83 22.73 -6.52
CA PHE D 220 37.36 23.81 -7.37
C PHE D 220 36.32 24.91 -7.56
N ASN D 221 35.04 24.52 -7.63
CA ASN D 221 33.93 25.48 -7.77
C ASN D 221 33.70 26.31 -6.50
N LEU D 222 33.71 25.64 -5.34
CA LEU D 222 33.39 26.28 -4.05
C LEU D 222 34.54 26.91 -3.29
N GLY D 223 35.75 26.41 -3.49
CA GLY D 223 36.92 26.87 -2.75
C GLY D 223 37.22 25.94 -1.59
N SER D 224 36.20 25.17 -1.16
CA SER D 224 36.25 24.18 -0.08
C SER D 224 35.00 23.30 -0.13
N LEU D 225 35.00 22.17 0.59
CA LEU D 225 33.82 21.31 0.64
C LEU D 225 33.08 21.43 2.01
N PRO D 226 31.75 21.20 2.11
CA PRO D 226 31.05 21.36 3.40
C PRO D 226 31.54 20.48 4.56
N TRP D 227 32.23 19.38 4.27
CA TRP D 227 32.76 18.42 5.25
C TRP D 227 34.26 18.63 5.48
N GLN D 228 34.77 19.73 4.96
CA GLN D 228 36.17 20.09 5.12
C GLN D 228 36.34 20.88 6.41
N GLY D 229 37.46 20.65 7.08
CA GLY D 229 37.84 21.30 8.33
C GLY D 229 36.91 21.05 9.49
N LEU D 230 36.37 19.82 9.63
CA LEU D 230 35.49 19.49 10.77
C LEU D 230 36.41 19.14 11.94
N LYS D 231 36.11 19.67 13.15
CA LYS D 231 36.97 19.40 14.30
C LYS D 231 36.69 18.06 14.93
N ALA D 232 37.76 17.32 15.31
CA ALA D 232 37.70 16.00 15.95
C ALA D 232 38.98 15.67 16.71
N ALA D 233 38.83 14.97 17.84
CA ALA D 233 39.91 14.55 18.74
C ALA D 233 40.81 13.45 18.15
N THR D 234 40.28 12.66 17.19
CA THR D 234 40.99 11.57 16.50
C THR D 234 40.65 11.54 15.00
N LYS D 235 41.45 10.81 14.19
CA LYS D 235 41.18 10.68 12.76
C LYS D 235 39.97 9.79 12.49
N ARG D 236 39.77 8.76 13.35
CA ARG D 236 38.64 7.83 13.30
C ARG D 236 37.32 8.60 13.44
N GLN D 237 37.25 9.55 14.42
CA GLN D 237 36.11 10.43 14.71
C GLN D 237 35.88 11.38 13.54
N LYS D 238 36.99 11.94 13.01
CA LYS D 238 37.04 12.87 11.88
C LYS D 238 36.44 12.23 10.62
N TYR D 239 36.83 10.98 10.30
CA TYR D 239 36.31 10.24 9.14
C TYR D 239 34.82 9.98 9.31
N GLU D 240 34.38 9.62 10.54
CA GLU D 240 32.99 9.38 10.90
C GLU D 240 32.17 10.67 10.67
N ARG D 241 32.71 11.83 11.11
CA ARG D 241 32.12 13.15 10.96
C ARG D 241 32.01 13.57 9.51
N ILE D 242 33.02 13.24 8.67
CA ILE D 242 33.05 13.56 7.23
C ILE D 242 31.97 12.71 6.54
N SER D 243 31.95 11.39 6.82
CA SER D 243 30.97 10.44 6.30
C SER D 243 29.55 10.92 6.61
N GLU D 244 29.29 11.32 7.89
CA GLU D 244 28.01 11.83 8.36
C GLU D 244 27.62 13.09 7.60
N LYS D 245 28.54 14.09 7.52
CA LYS D 245 28.28 15.33 6.79
C LYS D 245 28.01 15.07 5.28
N LYS D 246 28.81 14.21 4.67
CA LYS D 246 28.66 13.82 3.26
C LYS D 246 27.31 13.15 3.00
N MET D 247 26.91 12.20 3.85
CA MET D 247 25.64 11.48 3.69
C MET D 247 24.41 12.35 4.02
N SER D 248 24.58 13.45 4.76
CA SER D 248 23.52 14.39 5.16
C SER D 248 23.40 15.58 4.20
N THR D 249 24.35 15.74 3.27
CA THR D 249 24.40 16.84 2.31
C THR D 249 23.83 16.37 0.96
N PRO D 250 22.60 16.75 0.60
CA PRO D 250 22.08 16.35 -0.72
C PRO D 250 22.95 16.93 -1.81
N ILE D 251 23.07 16.19 -2.93
CA ILE D 251 23.84 16.63 -4.10
C ILE D 251 23.34 17.99 -4.60
N GLU D 252 22.00 18.22 -4.60
CA GLU D 252 21.48 19.51 -5.04
C GLU D 252 21.88 20.67 -4.11
N VAL D 253 22.10 20.39 -2.80
CA VAL D 253 22.50 21.41 -1.84
C VAL D 253 24.01 21.70 -2.05
N LEU D 254 24.82 20.64 -2.22
CA LEU D 254 26.25 20.77 -2.48
C LEU D 254 26.51 21.60 -3.75
N CYS D 255 25.72 21.36 -4.79
CA CYS D 255 25.88 21.97 -6.12
C CYS D 255 25.02 23.21 -6.37
N LYS D 256 24.29 23.71 -5.36
CA LYS D 256 23.43 24.90 -5.50
C LYS D 256 24.23 26.12 -6.01
N GLY D 257 23.67 26.79 -7.01
CA GLY D 257 24.30 27.97 -7.60
C GLY D 257 25.27 27.66 -8.72
N TYR D 258 25.54 26.36 -8.99
CA TYR D 258 26.46 25.94 -10.03
C TYR D 258 25.70 25.22 -11.13
N PRO D 259 26.19 25.18 -12.40
CA PRO D 259 25.45 24.45 -13.46
C PRO D 259 25.04 23.04 -13.05
N SER D 260 23.82 22.65 -13.42
CA SER D 260 23.23 21.34 -13.08
C SER D 260 24.12 20.12 -13.40
N GLU D 261 25.03 20.25 -14.38
CA GLU D 261 25.94 19.19 -14.85
C GLU D 261 26.77 18.59 -13.74
N PHE D 262 27.21 19.42 -12.77
CA PHE D 262 27.99 18.96 -11.63
C PHE D 262 27.19 18.00 -10.77
N ALA D 263 25.88 18.28 -10.61
CA ALA D 263 24.92 17.47 -9.83
C ALA D 263 24.58 16.19 -10.60
N THR D 264 24.28 16.33 -11.92
CA THR D 264 24.01 15.21 -12.81
C THR D 264 25.19 14.24 -12.80
N TYR D 265 26.42 14.79 -12.86
CA TYR D 265 27.66 14.02 -12.83
C TYR D 265 27.71 13.20 -11.54
N LEU D 266 27.52 13.86 -10.38
CA LEU D 266 27.56 13.14 -9.10
C LEU D 266 26.42 12.11 -8.90
N ASN D 267 25.19 12.42 -9.38
CA ASN D 267 24.07 11.50 -9.30
C ASN D 267 24.33 10.24 -10.17
N PHE D 268 24.97 10.43 -11.35
CA PHE D 268 25.31 9.33 -12.24
C PHE D 268 26.33 8.39 -11.57
N CYS D 269 27.40 8.96 -11.01
CA CYS D 269 28.43 8.17 -10.29
C CYS D 269 27.83 7.39 -9.11
N ARG D 270 26.94 8.02 -8.32
CA ARG D 270 26.29 7.37 -7.20
C ARG D 270 25.31 6.27 -7.64
N SER D 271 24.87 6.29 -8.92
CA SER D 271 23.91 5.30 -9.45
C SER D 271 24.57 4.05 -9.99
N LEU D 272 25.87 4.14 -10.25
CA LEU D 272 26.66 3.05 -10.78
C LEU D 272 26.72 1.86 -9.88
N ARG D 273 26.67 0.66 -10.46
CA ARG D 273 26.77 -0.59 -9.70
C ARG D 273 28.23 -0.87 -9.52
N PHE D 274 28.57 -1.69 -8.53
CA PHE D 274 29.96 -2.04 -8.21
C PHE D 274 30.80 -2.42 -9.46
N ASP D 275 30.34 -3.37 -10.25
CA ASP D 275 31.11 -3.82 -11.41
C ASP D 275 30.76 -3.12 -12.74
N ASP D 276 29.87 -2.10 -12.71
CA ASP D 276 29.51 -1.35 -13.91
C ASP D 276 30.69 -0.66 -14.54
N LYS D 277 30.73 -0.71 -15.88
CA LYS D 277 31.69 0.04 -16.68
C LYS D 277 31.05 1.43 -16.82
N PRO D 278 31.68 2.50 -16.30
CA PRO D 278 31.07 3.83 -16.43
C PRO D 278 31.00 4.29 -17.87
N ASP D 279 29.99 5.09 -18.18
CA ASP D 279 29.87 5.68 -19.52
C ASP D 279 30.68 6.98 -19.48
N TYR D 280 32.00 6.88 -19.67
CA TYR D 280 32.93 8.02 -19.63
C TYR D 280 32.59 9.08 -20.67
N SER D 281 32.20 8.65 -21.90
CA SER D 281 31.81 9.49 -23.03
C SER D 281 30.66 10.40 -22.65
N TYR D 282 29.60 9.83 -22.04
CA TYR D 282 28.45 10.56 -21.56
C TYR D 282 28.88 11.65 -20.58
N LEU D 283 29.76 11.31 -19.64
CA LEU D 283 30.22 12.25 -18.61
C LEU D 283 31.04 13.40 -19.21
N ARG D 284 31.96 13.09 -20.18
CA ARG D 284 32.72 14.15 -20.86
C ARG D 284 31.75 15.01 -21.71
N GLN D 285 30.73 14.38 -22.35
CA GLN D 285 29.75 15.08 -23.18
C GLN D 285 28.86 16.00 -22.35
N LEU D 286 28.59 15.65 -21.06
CA LEU D 286 27.79 16.52 -20.17
C LEU D 286 28.51 17.85 -20.04
N PHE D 287 29.78 17.78 -19.71
CA PHE D 287 30.60 18.98 -19.51
C PHE D 287 30.93 19.70 -20.80
N ARG D 288 31.06 18.97 -21.92
CA ARG D 288 31.34 19.55 -23.24
C ARG D 288 30.14 20.36 -23.75
N ASN D 289 28.90 19.85 -23.50
CA ASN D 289 27.67 20.54 -23.90
C ASN D 289 27.53 21.84 -23.09
N LEU D 290 27.88 21.79 -21.78
CA LEU D 290 27.85 22.97 -20.95
C LEU D 290 28.92 23.97 -21.44
N PHE D 291 30.15 23.48 -21.73
CA PHE D 291 31.27 24.28 -22.24
C PHE D 291 30.84 25.07 -23.51
N HIS D 292 30.16 24.39 -24.45
CA HIS D 292 29.65 24.97 -25.69
C HIS D 292 28.48 25.96 -25.42
N ARG D 293 27.54 25.62 -24.51
CA ARG D 293 26.43 26.51 -24.14
C ARG D 293 26.97 27.82 -23.54
N GLN D 294 28.09 27.73 -22.83
CA GLN D 294 28.73 28.89 -22.22
C GLN D 294 29.50 29.76 -23.22
N GLY D 295 29.71 29.24 -24.43
CA GLY D 295 30.44 29.93 -25.48
C GLY D 295 31.95 29.92 -25.29
N PHE D 296 32.47 28.95 -24.51
CA PHE D 296 33.91 28.86 -24.28
C PHE D 296 34.65 28.23 -25.44
N SER D 297 35.93 28.64 -25.61
CA SER D 297 36.85 28.15 -26.63
C SER D 297 37.77 27.13 -26.01
N TYR D 298 37.91 26.00 -26.71
CA TYR D 298 38.75 24.91 -26.29
C TYR D 298 40.19 25.21 -26.71
N ASP D 299 40.74 26.21 -26.04
CA ASP D 299 42.11 26.64 -26.25
C ASP D 299 42.66 26.10 -24.99
N TYR D 300 43.83 26.37 -24.60
CA TYR D 300 44.05 25.66 -23.30
C TYR D 300 44.44 26.74 -22.32
N VAL D 301 43.65 27.81 -22.29
CA VAL D 301 43.96 28.99 -21.52
C VAL D 301 43.27 28.86 -20.19
N PHE D 302 44.02 28.39 -19.21
CA PHE D 302 43.55 28.17 -17.84
C PHE D 302 43.70 29.48 -17.08
N ASP D 303 43.08 29.59 -15.90
CA ASP D 303 43.16 30.82 -15.11
C ASP D 303 44.58 31.26 -14.85
N TRP D 304 45.46 30.33 -14.50
CA TRP D 304 46.84 30.62 -14.18
C TRP D 304 47.65 31.15 -15.35
N ASN D 305 47.23 30.88 -16.61
CA ASN D 305 47.86 31.41 -17.82
C ASN D 305 47.63 32.92 -18.00
N MET D 306 46.66 33.48 -17.26
CA MET D 306 46.32 34.90 -17.34
C MET D 306 47.04 35.76 -16.29
N LEU D 307 47.91 35.12 -15.49
CA LEU D 307 48.70 35.73 -14.41
C LEU D 307 50.08 36.19 -14.89
C4 9WG E . -66.50 -60.63 34.19
N2 9WG E . -64.71 -60.16 35.36
C7 9WG E . -67.46 -58.18 34.37
C9 9WG E . -69.76 -57.41 34.29
C20 9WG E . -67.67 -63.58 34.84
C8 9WG E . -68.84 -58.43 34.48
C18 9WG E . -68.74 -63.35 32.73
C16 9WG E . -68.88 -61.46 31.42
C19 9WG E . -67.87 -62.69 33.66
C1 9WG E . -63.44 -60.22 36.06
C3 9WG E . -65.34 -61.15 34.71
C5 9WG E . -66.48 -59.27 34.60
N6 9WG E . -65.39 -58.98 35.30
C10 9WG E . -69.29 -56.15 34.00
C11 9WG E . -67.95 -55.85 33.91
C12 9WG E . -67.03 -56.88 34.09
F13 9WG E . -70.18 -55.17 33.71
C14 9WG E . -67.49 -61.36 33.37
C15 9WG E . -68.02 -60.74 32.23
N17 9WG E . -69.24 -62.73 31.64
O21 9WG E . -67.12 -63.34 35.90
N22 9WG E . -68.26 -64.77 34.52
C23 9WG E . -68.91 -64.75 33.21
C24 9WG E . -68.25 -65.96 35.36
HC9 9WG E . -70.82 -57.59 34.41
HC8 9WG E . -69.19 -59.44 34.66
HC16 9WG E . -69.33 -61.01 30.54
HC1C 9WG E . -62.79 -59.40 35.78
HC1A 9WG E . -62.92 -61.15 35.85
HC1B 9WG E . -63.60 -60.16 37.14
HC3 9WG E . -64.95 -62.16 34.63
HC11 9WG E . -67.59 -54.87 33.66
HC12 9WG E . -65.98 -56.68 34.00
HC15 9WG E . -67.72 -59.72 32.00
H23A 9WG E . -68.44 -65.46 32.54
H23B 9WG E . -69.96 -65.04 33.28
H24A 9WG E . -68.70 -65.76 36.35
H24B 9WG E . -67.24 -66.31 35.54
H24C 9WG E . -68.82 -66.77 34.91
S SO4 F . -51.55 -43.12 37.62
O1 SO4 F . -50.38 -43.78 37.05
O2 SO4 F . -51.13 -42.51 38.88
O3 SO4 F . -52.05 -42.11 36.69
O4 SO4 F . -52.60 -44.10 37.87
S SO4 G . -46.29 -64.63 41.35
O1 SO4 G . -45.10 -65.00 42.06
O2 SO4 G . -46.66 -63.28 41.67
O3 SO4 G . -45.98 -64.64 39.94
O4 SO4 G . -47.35 -65.57 41.67
S SO4 H . -52.22 -56.87 9.69
O1 SO4 H . -50.88 -57.31 9.23
O2 SO4 H . -52.13 -55.59 10.40
O3 SO4 H . -53.10 -56.71 8.55
O4 SO4 H . -52.79 -57.85 10.58
C4 9WG I . 30.56 36.36 21.27
N2 9WG I . 30.02 34.30 20.80
C7 9WG I . 28.81 37.38 19.58
C9 9WG I . 28.82 39.50 18.42
C20 9WG I . 33.75 36.77 21.73
C8 9WG I . 29.48 38.51 19.12
C18 9WG I . 33.08 38.74 22.88
C16 9WG I . 30.98 39.68 22.96
C19 9WG I . 32.59 37.62 22.15
C1 9WG I . 29.93 32.84 20.76
C3 9WG I . 30.84 35.04 21.55
C5 9WG I . 29.53 36.30 20.30
N6 9WG I . 29.20 35.04 20.02
C10 9WG I . 27.47 39.38 18.23
C11 9WG I . 26.76 38.27 18.66
C12 9WG I . 27.44 37.28 19.35
F13 9WG I . 26.80 40.40 17.65
C14 9WG I . 31.21 37.55 21.89
C15 9WG I . 30.40 38.61 22.30
N17 9WG I . 32.28 39.74 23.27
O21 9WG I . 33.75 35.79 21.01
N22 9WG I . 34.85 37.32 22.33
C23 9WG I . 34.54 38.51 23.11
C24 9WG I . 36.20 36.77 22.24
HC9 9WG I . 29.36 40.36 18.03
HC8 9WG I . 30.55 38.61 19.32
HC16 9WG I . 30.40 40.53 23.30
HC1C 9WG I . 28.91 32.49 20.83
HC1A 9WG I . 30.51 32.39 21.57
HC1B 9WG I . 30.34 32.48 19.81
HC3 9WG I . 31.59 34.64 22.24
HC11 9WG I . 25.68 38.18 18.52
HC12 9WG I . 26.89 36.42 19.73
HC15 9WG I . 29.32 38.58 22.11
H23A 9WG I . 34.76 38.35 24.17
H23B 9WG I . 35.14 39.36 22.80
H24A 9WG I . 36.54 36.71 21.21
H24B 9WG I . 36.25 35.77 22.67
H24C 9WG I . 36.91 37.39 22.78
S SO4 J . 13.65 36.11 44.31
O1 SO4 J . 14.99 35.92 43.82
O2 SO4 J . 13.65 37.37 45.05
O3 SO4 J . 12.73 36.18 43.18
O4 SO4 J . 13.29 35.00 45.20
S SO4 K . 30.29 14.98 24.92
O1 SO4 K . 31.56 15.71 24.84
O2 SO4 K . 29.65 15.30 26.20
O3 SO4 K . 30.54 13.56 24.84
O4 SO4 K . 29.38 15.38 23.85
S SO4 L . 5.22 36.86 32.58
O1 SO4 L . 5.87 37.52 33.71
O2 SO4 L . 4.86 37.85 31.55
O3 SO4 L . 6.14 35.89 31.99
O4 SO4 L . 4.01 36.15 33.05
S SO4 M . 11.79 23.60 15.77
O1 SO4 M . 12.92 24.51 15.53
O2 SO4 M . 12.06 22.78 16.95
O3 SO4 M . 11.62 22.72 14.62
O4 SO4 M . 10.58 24.38 15.98
S SO4 N . 1.90 31.94 32.05
O1 SO4 N . 2.66 31.57 30.83
O2 SO4 N . 1.86 33.39 32.24
O3 SO4 N . 2.51 31.35 33.23
O4 SO4 N . 0.52 31.43 31.97
S SO4 O . 26.39 17.72 20.41
O1 SO4 O . 27.51 17.41 21.29
O2 SO4 O . 26.24 19.18 20.33
O3 SO4 O . 26.69 17.15 19.08
O4 SO4 O . 25.16 17.18 20.92
C4 9WG P . -16.30 6.54 -46.54
N2 9WG P . -14.79 6.76 -48.10
C7 9WG P . -14.54 5.57 -44.80
C9 9WG P . -14.85 3.99 -42.99
C20 9WG P . -19.17 5.60 -47.74
C8 9WG P . -15.29 4.57 -44.17
C18 9WG P . -20.00 6.40 -45.67
C16 9WG P . -18.80 7.08 -43.82
C19 9WG P . -18.81 6.24 -46.42
C1 9WG P . -14.12 6.99 -49.37
C3 9WG P . -16.10 6.92 -47.84
C5 9WG P . -14.99 6.16 -46.08
N6 9WG P . -14.08 6.31 -47.04
C10 9WG P . -13.69 4.45 -42.43
C11 9WG P . -12.93 5.44 -43.00
C12 9WG P . -13.36 6.00 -44.18
F13 9WG P . -13.28 3.91 -41.24
C14 9WG P . -17.58 6.57 -45.81
C15 9WG P . -17.59 7.00 -44.48
N17 9WG P . -19.99 6.79 -44.38
O21 9WG P . -18.43 5.12 -48.57
N22 9WG P . -20.53 5.57 -47.78
C23 9WG P . -21.15 6.16 -46.59
C24 9WG P . -21.31 4.98 -48.85
HC9 9WG P . -15.42 3.18 -42.53
HC8 9WG P . -16.21 4.24 -44.63
HC16 9WG P . -18.88 7.40 -42.78
HC1C 9WG P . -13.42 6.18 -49.60
HC1A 9WG P . -14.83 7.05 -50.19
HC1B 9WG P . -13.55 7.91 -49.36
HC3 9WG P . -16.83 7.29 -48.56
HC11 9WG P . -12.02 5.81 -42.53
HC12 9WG P . -12.80 6.82 -44.63
HC15 9WG P . -16.66 7.29 -44.00
H23A 9WG P . -21.88 5.47 -46.15
H23B 9WG P . -21.69 7.08 -46.82
H24A 9WG P . -21.38 5.64 -49.70
H24B 9WG P . -22.32 4.74 -48.53
H24C 9WG P . -20.86 4.04 -49.20
S SO4 Q . -9.32 14.31 -65.21
O1 SO4 Q . -8.16 13.63 -64.62
O2 SO4 Q . -9.44 15.64 -64.60
O3 SO4 Q . -9.21 14.45 -66.64
O4 SO4 Q . -10.51 13.55 -64.92
S SO4 R . -13.56 33.83 -38.73
O1 SO4 R . -12.37 33.19 -38.19
O2 SO4 R . -13.53 35.24 -38.43
O3 SO4 R . -13.66 33.62 -40.15
O4 SO4 R . -14.70 33.22 -38.19
S SO4 S . 5.85 11.53 -48.71
O1 SO4 S . 6.66 11.14 -49.87
O2 SO4 S . 5.77 12.99 -48.63
O3 SO4 S . 6.45 11.02 -47.48
O4 SO4 S . 4.51 10.96 -48.87
S SO4 T . -27.72 -11.03 -47.87
O1 SO4 T . -26.61 -11.96 -47.62
O2 SO4 T . -27.23 -9.66 -47.74
O3 SO4 T . -28.24 -11.26 -49.21
O4 SO4 T . -28.79 -11.24 -46.89
C4 9WG U . 56.00 14.40 -8.06
N2 9WG U . 54.76 13.86 -6.34
C7 9WG U . 56.93 11.94 -8.35
C9 9WG U . 59.10 11.20 -9.14
C20 9WG U . 57.31 17.36 -7.68
C8 9WG U . 58.27 12.20 -8.66
C18 9WG U . 57.72 17.19 -10.01
C16 9WG U . 57.42 15.37 -11.38
C19 9WG U . 57.16 16.50 -8.90
C1 9WG U . 53.82 13.89 -5.23
C3 9WG U . 55.14 14.90 -7.11
C5 9WG U . 56.08 13.00 -7.76
N6 9WG U . 55.30 12.69 -6.73
C10 9WG U . 58.57 9.95 -9.31
C11 9WG U . 57.25 9.65 -9.04
C12 9WG U . 56.43 10.66 -8.56
F13 9WG U . 59.39 8.97 -9.79
C14 9WG U . 56.69 15.19 -9.11
C15 9WG U . 56.82 14.62 -10.39
N17 9WG U . 57.86 16.63 -11.21
O21 9WG U . 57.09 17.06 -6.53
N22 9WG U . 57.80 18.55 -8.12
C23 9WG U . 57.98 18.60 -9.56
C24 9WG U . 58.15 19.66 -7.25
HC9 9WG U . 60.14 11.41 -9.35
HC8 9WG U . 58.67 13.21 -8.53
HC16 9WG U . 57.57 14.98 -12.39
HC1C 9WG U . 53.22 12.98 -5.19
HC1A 9WG U . 53.14 14.74 -5.31
HC1B 9WG U . 54.36 13.97 -4.28
HC3 9WG U . 54.80 15.92 -6.98
HC11 9WG U . 56.83 8.66 -9.21
HC12 9WG U . 55.37 10.47 -8.41
HC15 9WG U . 56.42 13.63 -10.58
H23A 9WG U . 57.30 19.30 -10.03
H23B 9WG U . 58.99 18.93 -9.83
H24A 9WG U . 58.72 19.33 -6.38
H24B 9WG U . 57.26 20.18 -6.89
H24C 9WG U . 58.77 20.40 -7.77
S SO4 V . 40.08 18.19 5.77
O1 SO4 V . 41.21 19.03 5.50
O2 SO4 V . 39.42 18.70 6.95
O3 SO4 V . 39.15 18.22 4.67
O4 SO4 V . 40.49 16.81 5.97
S SO4 W . 34.21 11.17 -26.11
O1 SO4 W . 34.00 11.90 -24.88
O2 SO4 W . 35.28 11.85 -26.75
O3 SO4 W . 33.02 11.20 -26.93
O4 SO4 W . 34.57 9.81 -25.80
#